data_6LPT
#
_entry.id   6LPT
#
_cell.length_a   72.263
_cell.length_b   94.411
_cell.length_c   73.575
_cell.angle_alpha   90.000
_cell.angle_beta   111.770
_cell.angle_gamma   90.000
#
_symmetry.space_group_name_H-M   'P 1 21 1'
#
loop_
_entity.id
_entity.type
_entity.pdbx_description
1 polymer 'D-2-hydroxyglutarate dehydrogenase, mitochondrial'
2 non-polymer 'FLAVIN-ADENINE DINUCLEOTIDE'
3 non-polymer 'ZINC ION'
4 non-polymer 'LACTIC ACID'
5 water water
#
_entity_poly.entity_id   1
_entity_poly.type   'polypeptide(L)'
_entity_poly.pdbx_seq_one_letter_code
;GPGSRYPVRRLPFSTVSKQDLAAFERIVPGGVVTDPEALQAPNVDWLRTLRGCSKVLLRPRTSEEVSHILRHCHERNLAV
NPQGGNTGMVGGSVPVFDEIILSTARMNRVLSFHSVSGILVCQAGCVLEELSRYVEERDFIMPLDLGAKGSCHIGGNVAT
NAGGLRFLRYGSLHGTVLGLEVVLADGTVLDCLTSLRKDNTGYDLKQLFIGSEGTLGIITTVSILCPPKPRAVNVAFLGC
PGFAEVLQTFSTCKGMLGEILSAFEFMDAVCMQLVGRHLHLASPVQESPFYVLIETSGSNAGHDAEKLGHFLEHALGSGL
VTDGTMATDQRKVKMLWALRERITEALSRDGYVYKYDLSLPVERLYDIVTDLRARLGPHAKHVVGYGHLGDGNLHLNVTA
EAFSPSLLAALEPHVYEWTAGQQGSVSAEHGVGFRKRDVLGYSKPPGALQLMQQLKALLDPKGILNPYKTLPSQAHHHHH
H
;
_entity_poly.pdbx_strand_id   A,B
#
# COMPACT_ATOMS: atom_id res chain seq x y z
N VAL A 8 9.52 -3.12 -31.78
CA VAL A 8 10.40 -2.95 -32.94
C VAL A 8 9.61 -3.18 -34.24
N ARG A 9 8.83 -4.27 -34.30
CA ARG A 9 8.01 -4.56 -35.48
C ARG A 9 6.55 -4.51 -35.10
N ARG A 10 5.75 -3.95 -35.99
CA ARG A 10 4.31 -3.76 -35.74
C ARG A 10 3.57 -5.09 -35.72
N LEU A 11 2.83 -5.33 -34.65
CA LEU A 11 2.04 -6.53 -34.51
C LEU A 11 0.82 -6.48 -35.43
N PRO A 12 0.16 -7.64 -35.69
CA PRO A 12 -0.86 -7.72 -36.75
C PRO A 12 -2.25 -7.21 -36.34
N PHE A 13 -2.30 -5.97 -35.86
CA PHE A 13 -3.57 -5.36 -35.53
C PHE A 13 -4.27 -4.88 -36.79
N SER A 14 -5.59 -4.77 -36.73
CA SER A 14 -6.34 -4.18 -37.81
C SER A 14 -5.98 -2.70 -37.97
N THR A 15 -6.47 -2.11 -39.06
CA THR A 15 -6.29 -0.70 -39.34
C THR A 15 -7.63 0.01 -39.28
N VAL A 16 -7.62 1.26 -38.81
CA VAL A 16 -8.84 2.02 -38.63
C VAL A 16 -9.43 2.35 -39.99
N SER A 17 -10.69 1.93 -40.21
CA SER A 17 -11.38 2.22 -41.46
C SER A 17 -12.28 3.46 -41.28
N LYS A 18 -12.94 3.84 -42.38
CA LYS A 18 -13.94 4.90 -42.31
C LYS A 18 -15.13 4.50 -41.45
N GLN A 19 -15.46 3.21 -41.43
CA GLN A 19 -16.58 2.74 -40.63
C GLN A 19 -16.23 2.77 -39.15
N ASP A 20 -14.96 2.52 -38.82
CA ASP A 20 -14.52 2.66 -37.44
C ASP A 20 -14.64 4.10 -36.97
N LEU A 21 -14.20 5.05 -37.81
CA LEU A 21 -14.37 6.46 -37.49
C LEU A 21 -15.84 6.81 -37.26
N ALA A 22 -16.74 6.30 -38.11
CA ALA A 22 -18.16 6.59 -37.92
C ALA A 22 -18.71 5.95 -36.64
N ALA A 23 -18.21 4.75 -36.30
CA ALA A 23 -18.58 4.12 -35.05
C ALA A 23 -18.12 4.94 -33.86
N PHE A 24 -16.87 5.41 -33.89
CA PHE A 24 -16.36 6.22 -32.78
C PHE A 24 -17.12 7.53 -32.65
N GLU A 25 -17.51 8.12 -33.79
CA GLU A 25 -18.33 9.33 -33.74
C GLU A 25 -19.68 9.04 -33.08
N ARG A 26 -20.24 7.86 -33.34
CA ARG A 26 -21.44 7.45 -32.62
C ARG A 26 -21.17 7.27 -31.13
N ILE A 27 -20.05 6.65 -30.78
CA ILE A 27 -19.74 6.36 -29.38
C ILE A 27 -19.37 7.62 -28.62
N VAL A 28 -18.48 8.43 -29.19
CA VAL A 28 -18.00 9.66 -28.54
C VAL A 28 -18.26 10.86 -29.46
N PRO A 29 -19.49 11.35 -29.54
CA PRO A 29 -19.76 12.51 -30.40
C PRO A 29 -18.98 13.73 -29.92
N GLY A 30 -18.31 14.40 -30.86
CA GLY A 30 -17.43 15.50 -30.52
C GLY A 30 -16.04 15.13 -30.07
N GLY A 31 -15.74 13.85 -29.87
CA GLY A 31 -14.46 13.48 -29.31
C GLY A 31 -13.56 12.66 -30.22
N VAL A 32 -13.70 12.84 -31.52
CA VAL A 32 -12.92 12.11 -32.51
C VAL A 32 -12.06 13.14 -33.23
N VAL A 33 -10.77 13.18 -32.90
CA VAL A 33 -9.84 14.12 -33.52
C VAL A 33 -9.03 13.36 -34.56
N THR A 34 -9.10 13.80 -35.81
CA THR A 34 -8.32 13.20 -36.88
C THR A 34 -7.47 14.21 -37.64
N ASP A 35 -7.43 15.46 -37.22
CA ASP A 35 -6.63 16.45 -37.92
C ASP A 35 -5.16 16.11 -37.72
N PRO A 36 -4.40 15.87 -38.79
CA PRO A 36 -2.99 15.47 -38.62
C PRO A 36 -2.16 16.46 -37.81
N GLU A 37 -2.37 17.76 -38.00
CA GLU A 37 -1.60 18.73 -37.22
C GLU A 37 -1.99 18.71 -35.75
N ALA A 38 -3.27 18.44 -35.44
CA ALA A 38 -3.66 18.30 -34.05
C ALA A 38 -3.09 17.03 -33.40
N LEU A 39 -2.80 16.00 -34.20
CA LEU A 39 -2.26 14.75 -33.67
C LEU A 39 -0.76 14.79 -33.43
N GLN A 40 -0.08 15.85 -33.83
CA GLN A 40 1.37 15.90 -33.72
C GLN A 40 1.80 15.91 -32.25
N ALA A 41 1.28 16.87 -31.46
CA ALA A 41 1.62 16.93 -30.04
C ALA A 41 1.33 15.62 -29.30
N PRO A 42 0.14 15.01 -29.40
CA PRO A 42 -0.09 13.75 -28.66
C PRO A 42 0.74 12.57 -29.15
N ASN A 43 1.31 12.62 -30.34
CA ASN A 43 2.20 11.54 -30.80
C ASN A 43 3.63 11.65 -30.30
N VAL A 44 4.03 12.77 -29.71
CA VAL A 44 5.41 12.97 -29.24
C VAL A 44 5.44 12.91 -27.72
N ASP A 45 6.35 12.11 -27.18
CA ASP A 45 6.47 11.96 -25.74
C ASP A 45 7.10 13.21 -25.11
N TRP A 46 7.06 13.25 -23.78
CA TRP A 46 7.55 14.43 -23.05
C TRP A 46 9.01 14.72 -23.37
N LEU A 47 9.84 13.68 -23.46
CA LEU A 47 11.26 13.89 -23.72
C LEU A 47 11.52 14.27 -25.17
N ARG A 48 10.54 14.09 -26.06
CA ARG A 48 10.63 14.47 -27.47
C ARG A 48 11.61 13.57 -28.23
N THR A 49 11.81 12.35 -27.75
CA THR A 49 12.67 11.39 -28.43
C THR A 49 11.89 10.21 -28.98
N LEU A 50 10.59 10.16 -28.75
CA LEU A 50 9.74 9.14 -29.35
C LEU A 50 8.54 9.82 -30.00
N ARG A 51 8.13 9.31 -31.17
CA ARG A 51 7.07 9.94 -31.95
C ARG A 51 6.30 8.86 -32.68
N GLY A 52 5.01 8.74 -32.37
CA GLY A 52 4.15 7.79 -33.05
C GLY A 52 3.56 8.38 -34.32
N CYS A 53 2.78 7.54 -34.99
CA CYS A 53 2.14 7.90 -36.25
C CYS A 53 0.65 7.59 -36.18
N SER A 54 0.07 7.78 -34.98
CA SER A 54 -1.36 7.59 -34.80
C SER A 54 -2.16 8.64 -35.56
N LYS A 55 -3.24 8.19 -36.18
CA LYS A 55 -4.13 9.06 -36.94
C LYS A 55 -5.50 9.24 -36.29
N VAL A 56 -5.72 8.69 -35.09
CA VAL A 56 -7.00 8.85 -34.42
C VAL A 56 -6.75 9.11 -32.94
N LEU A 57 -7.28 10.22 -32.44
CA LEU A 57 -7.31 10.55 -31.01
C LEU A 57 -8.76 10.55 -30.56
N LEU A 58 -9.06 9.78 -29.52
CA LEU A 58 -10.39 9.75 -28.93
C LEU A 58 -10.36 10.38 -27.55
N ARG A 59 -11.37 11.20 -27.27
CA ARG A 59 -11.42 12.00 -26.05
C ARG A 59 -12.76 11.73 -25.37
N PRO A 60 -12.91 10.57 -24.73
CA PRO A 60 -14.18 10.26 -24.07
C PRO A 60 -14.44 11.19 -22.90
N ARG A 61 -15.72 11.32 -22.58
CA ARG A 61 -16.18 12.14 -21.47
C ARG A 61 -16.54 11.31 -20.24
N THR A 62 -17.05 10.09 -20.44
CA THR A 62 -17.56 9.23 -19.39
C THR A 62 -16.94 7.84 -19.47
N SER A 63 -17.13 7.08 -18.40
CA SER A 63 -16.68 5.69 -18.33
C SER A 63 -17.38 4.79 -19.35
N GLU A 64 -18.68 5.01 -19.54
CA GLU A 64 -19.42 4.20 -20.52
C GLU A 64 -18.88 4.38 -21.93
N GLU A 65 -18.56 5.61 -22.32
CA GLU A 65 -17.93 5.84 -23.62
C GLU A 65 -16.62 5.06 -23.74
N VAL A 66 -15.81 5.01 -22.68
CA VAL A 66 -14.59 4.21 -22.70
C VAL A 66 -14.93 2.73 -22.90
N SER A 67 -15.90 2.22 -22.14
CA SER A 67 -16.31 0.83 -22.27
C SER A 67 -16.74 0.51 -23.69
N HIS A 68 -17.52 1.39 -24.31
CA HIS A 68 -18.01 1.14 -25.66
C HIS A 68 -16.88 1.23 -26.69
N ILE A 69 -15.93 2.14 -26.47
CA ILE A 69 -14.77 2.25 -27.35
C ILE A 69 -13.97 0.95 -27.33
N LEU A 70 -13.64 0.47 -26.12
CA LEU A 70 -12.86 -0.74 -26.02
C LEU A 70 -13.62 -1.96 -26.52
N ARG A 71 -14.93 -2.03 -26.29
CA ARG A 71 -15.72 -3.09 -26.91
C ARG A 71 -15.55 -3.11 -28.42
N HIS A 72 -15.63 -1.93 -29.05
CA HIS A 72 -15.46 -1.86 -30.51
C HIS A 72 -14.03 -2.26 -30.91
N CYS A 73 -13.03 -1.75 -30.20
CA CYS A 73 -11.65 -2.09 -30.51
C CYS A 73 -11.36 -3.57 -30.31
N HIS A 74 -11.99 -4.20 -29.30
CA HIS A 74 -11.82 -5.62 -29.09
C HIS A 74 -12.42 -6.42 -30.24
N GLU A 75 -13.66 -6.12 -30.61
CA GLU A 75 -14.26 -6.83 -31.74
C GLU A 75 -13.46 -6.62 -33.02
N ARG A 76 -12.91 -5.42 -33.20
CA ARG A 76 -12.20 -5.09 -34.43
C ARG A 76 -10.70 -5.36 -34.35
N ASN A 77 -10.19 -5.76 -33.19
CA ASN A 77 -8.75 -5.96 -32.96
C ASN A 77 -7.94 -4.72 -33.35
N LEU A 78 -8.30 -3.59 -32.74
CA LEU A 78 -7.54 -2.35 -32.89
C LEU A 78 -6.78 -2.06 -31.62
N ALA A 79 -5.50 -1.71 -31.75
CA ALA A 79 -4.67 -1.36 -30.60
C ALA A 79 -5.03 0.01 -30.05
N VAL A 80 -4.99 0.12 -28.72
CA VAL A 80 -5.34 1.35 -28.02
C VAL A 80 -4.17 1.75 -27.13
N ASN A 81 -3.82 3.03 -27.18
CA ASN A 81 -2.78 3.67 -26.39
C ASN A 81 -3.43 4.66 -25.43
N PRO A 82 -3.64 4.29 -24.17
CA PRO A 82 -4.20 5.24 -23.21
C PRO A 82 -3.19 6.33 -22.91
N GLN A 83 -3.68 7.56 -22.78
CA GLN A 83 -2.81 8.70 -22.51
C GLN A 83 -3.42 9.65 -21.50
N GLY A 84 -2.61 10.06 -20.53
CA GLY A 84 -3.01 11.05 -19.55
C GLY A 84 -2.47 12.43 -19.87
N GLY A 85 -1.68 12.99 -18.94
CA GLY A 85 -0.96 14.24 -19.15
C GLY A 85 0.24 14.15 -20.08
N ASN A 86 0.66 12.94 -20.46
CA ASN A 86 1.80 12.75 -21.37
C ASN A 86 3.08 13.35 -20.81
N THR A 87 3.28 13.22 -19.50
CA THR A 87 4.53 13.62 -18.86
C THR A 87 5.39 12.41 -18.50
N GLY A 88 4.94 11.20 -18.81
CA GLY A 88 5.73 10.02 -18.52
C GLY A 88 7.09 10.06 -19.21
N MET A 89 8.06 9.35 -18.62
CA MET A 89 9.46 9.49 -19.00
C MET A 89 10.01 8.28 -19.73
N VAL A 90 9.21 7.24 -19.95
CA VAL A 90 9.71 5.95 -20.40
C VAL A 90 9.03 5.51 -21.71
N GLY A 91 8.47 6.46 -22.44
CA GLY A 91 7.85 6.18 -23.72
C GLY A 91 6.60 5.33 -23.65
N GLY A 92 5.95 5.28 -22.49
CA GLY A 92 4.72 4.51 -22.36
C GLY A 92 3.49 5.21 -22.89
N SER A 93 3.53 6.53 -23.00
CA SER A 93 2.34 7.35 -23.18
C SER A 93 2.07 7.72 -24.64
N VAL A 94 2.94 7.34 -25.57
CA VAL A 94 2.71 7.67 -26.98
C VAL A 94 2.76 6.39 -27.79
N PRO A 95 2.03 6.31 -28.91
CA PRO A 95 2.08 5.11 -29.74
C PRO A 95 3.46 4.87 -30.33
N VAL A 96 3.72 3.61 -30.65
CA VAL A 96 4.89 3.24 -31.43
C VAL A 96 4.60 3.31 -32.92
N PHE A 97 3.41 2.87 -33.32
CA PHE A 97 2.97 2.93 -34.71
C PHE A 97 1.68 3.71 -34.84
N ASP A 98 0.57 3.04 -35.16
CA ASP A 98 -0.71 3.70 -35.39
C ASP A 98 -1.77 3.29 -34.38
N GLU A 99 -1.38 3.02 -33.13
CA GLU A 99 -2.35 2.81 -32.06
C GLU A 99 -3.29 3.99 -31.92
N ILE A 100 -4.57 3.70 -31.65
CA ILE A 100 -5.54 4.75 -31.35
C ILE A 100 -5.18 5.36 -30.00
N ILE A 101 -5.05 6.69 -29.96
CA ILE A 101 -4.78 7.37 -28.69
C ILE A 101 -6.10 7.64 -27.99
N LEU A 102 -6.30 7.01 -26.84
CA LEU A 102 -7.47 7.29 -26.00
C LEU A 102 -7.05 8.21 -24.85
N SER A 103 -7.49 9.46 -24.93
CA SER A 103 -7.13 10.48 -23.96
C SER A 103 -8.20 10.62 -22.89
N THR A 104 -7.77 10.79 -21.65
CA THR A 104 -8.66 11.07 -20.53
C THR A 104 -8.89 12.57 -20.31
N ALA A 105 -8.44 13.40 -21.26
CA ALA A 105 -8.45 14.86 -21.08
C ALA A 105 -9.83 15.38 -20.66
N ARG A 106 -10.90 14.81 -21.22
CA ARG A 106 -12.24 15.29 -20.94
C ARG A 106 -12.88 14.58 -19.74
N MET A 107 -12.20 13.60 -19.16
CA MET A 107 -12.69 12.89 -17.98
C MET A 107 -12.13 13.56 -16.73
N ASN A 108 -12.57 14.80 -16.49
CA ASN A 108 -11.89 15.67 -15.54
C ASN A 108 -12.81 16.20 -14.43
N ARG A 109 -13.89 15.48 -14.11
CA ARG A 109 -14.81 15.93 -13.06
C ARG A 109 -14.50 15.24 -11.74
N VAL A 110 -14.60 15.99 -10.64
CA VAL A 110 -14.69 15.42 -9.30
C VAL A 110 -16.10 14.92 -9.06
N LEU A 111 -16.23 13.69 -8.54
CA LEU A 111 -17.53 13.09 -8.30
C LEU A 111 -18.02 13.25 -6.86
N SER A 112 -17.14 13.10 -5.87
CA SER A 112 -17.51 13.38 -4.48
C SER A 112 -16.25 13.64 -3.66
N PHE A 113 -16.45 14.31 -2.53
CA PHE A 113 -15.40 14.50 -1.53
C PHE A 113 -16.01 14.58 -0.15
N HIS A 114 -15.66 13.64 0.73
CA HIS A 114 -16.18 13.61 2.09
C HIS A 114 -15.31 14.49 2.97
N SER A 115 -15.88 15.61 3.42
CA SER A 115 -15.13 16.65 4.14
C SER A 115 -14.61 16.19 5.49
N VAL A 116 -15.03 15.02 5.98
CA VAL A 116 -14.55 14.49 7.25
C VAL A 116 -13.52 13.39 7.06
N SER A 117 -13.82 12.38 6.23
CA SER A 117 -12.87 11.30 6.01
C SER A 117 -11.72 11.71 5.11
N GLY A 118 -11.89 12.76 4.30
CA GLY A 118 -10.87 13.15 3.34
C GLY A 118 -10.79 12.29 2.12
N ILE A 119 -11.81 11.47 1.86
CA ILE A 119 -11.81 10.55 0.73
C ILE A 119 -12.28 11.28 -0.52
N LEU A 120 -11.46 11.25 -1.56
CA LEU A 120 -11.74 11.91 -2.83
C LEU A 120 -12.07 10.88 -3.90
N VAL A 121 -13.19 11.08 -4.59
CA VAL A 121 -13.54 10.30 -5.77
C VAL A 121 -13.57 11.23 -6.96
N CYS A 122 -12.78 10.92 -7.98
CA CYS A 122 -12.65 11.79 -9.14
C CYS A 122 -12.36 10.96 -10.39
N GLN A 123 -12.62 11.56 -11.55
CA GLN A 123 -12.32 10.91 -12.81
C GLN A 123 -10.81 10.89 -13.06
N ALA A 124 -10.39 9.89 -13.85
CA ALA A 124 -8.97 9.63 -14.06
C ALA A 124 -8.23 10.79 -14.71
N GLY A 125 -8.93 11.60 -15.51
CA GLY A 125 -8.30 12.71 -16.20
C GLY A 125 -8.22 14.01 -15.43
N CYS A 126 -8.54 14.02 -14.14
CA CYS A 126 -8.32 15.21 -13.34
C CYS A 126 -6.83 15.50 -13.22
N VAL A 127 -6.44 16.74 -13.51
CA VAL A 127 -5.05 17.14 -13.40
C VAL A 127 -4.67 17.28 -11.93
N LEU A 128 -3.44 16.84 -11.60
CA LEU A 128 -3.01 16.77 -10.20
C LEU A 128 -3.05 18.14 -9.53
N GLU A 129 -2.47 19.14 -10.18
CA GLU A 129 -2.50 20.51 -9.68
C GLU A 129 -3.92 20.96 -9.35
N GLU A 130 -4.88 20.67 -10.24
CA GLU A 130 -6.25 21.10 -10.03
C GLU A 130 -6.87 20.40 -8.82
N LEU A 131 -6.53 19.12 -8.62
CA LEU A 131 -7.03 18.39 -7.46
C LEU A 131 -6.42 18.94 -6.18
N SER A 132 -5.13 19.29 -6.22
CA SER A 132 -4.50 19.89 -5.04
C SER A 132 -5.23 21.17 -4.65
N ARG A 133 -5.48 22.05 -5.63
CA ARG A 133 -6.27 23.25 -5.35
C ARG A 133 -7.62 22.90 -4.72
N TYR A 134 -8.35 21.96 -5.35
CA TYR A 134 -9.68 21.58 -4.87
C TYR A 134 -9.67 21.08 -3.43
N VAL A 135 -8.82 20.12 -3.10
CA VAL A 135 -8.81 19.59 -1.74
C VAL A 135 -8.19 20.55 -0.73
N GLU A 136 -7.24 21.39 -1.14
CA GLU A 136 -6.68 22.38 -0.22
C GLU A 136 -7.70 23.47 0.14
N GLU A 137 -8.56 23.84 -0.81
CA GLU A 137 -9.69 24.70 -0.44
C GLU A 137 -10.54 24.08 0.67
N ARG A 138 -10.51 22.76 0.83
CA ARG A 138 -11.25 22.09 1.88
C ARG A 138 -10.34 21.55 2.99
N ASP A 139 -9.14 22.12 3.14
CA ASP A 139 -8.20 21.74 4.21
C ASP A 139 -7.74 20.29 4.13
N PHE A 140 -7.51 19.81 2.91
CA PHE A 140 -6.90 18.51 2.71
C PHE A 140 -5.86 18.66 1.61
N ILE A 141 -4.97 17.66 1.50
CA ILE A 141 -3.96 17.66 0.47
C ILE A 141 -3.95 16.30 -0.23
N MET A 142 -3.43 16.30 -1.45
CA MET A 142 -3.17 15.05 -2.14
C MET A 142 -2.05 14.29 -1.44
N PRO A 143 -2.11 12.95 -1.39
CA PRO A 143 -1.02 12.19 -0.76
C PRO A 143 0.23 12.13 -1.61
N LEU A 144 0.22 12.66 -2.83
CA LEU A 144 1.40 12.68 -3.68
C LEU A 144 1.51 14.06 -4.32
N ASP A 145 2.72 14.42 -4.71
CA ASP A 145 2.98 15.60 -5.51
C ASP A 145 4.19 15.38 -6.39
N LEU A 146 4.21 16.03 -7.55
CA LEU A 146 5.24 15.82 -8.55
C LEU A 146 5.52 17.14 -9.25
N GLY A 147 6.75 17.25 -9.78
CA GLY A 147 7.05 18.37 -10.66
C GLY A 147 6.11 18.51 -11.84
N ALA A 148 5.52 17.40 -12.29
CA ALA A 148 4.57 17.41 -13.40
C ALA A 148 3.14 17.72 -12.97
N LYS A 149 2.94 18.16 -11.73
CA LYS A 149 1.59 18.36 -11.19
C LYS A 149 0.70 19.16 -12.13
N GLY A 150 1.27 20.18 -12.79
CA GLY A 150 0.51 21.02 -13.69
C GLY A 150 -0.10 20.32 -14.88
N SER A 151 0.43 19.16 -15.27
CA SER A 151 -0.07 18.50 -16.47
C SER A 151 -0.51 17.06 -16.24
N CYS A 152 0.14 16.37 -15.29
CA CYS A 152 -0.12 14.95 -15.10
C CYS A 152 -1.54 14.69 -14.60
N HIS A 153 -2.11 13.58 -15.06
CA HIS A 153 -3.46 13.17 -14.68
C HIS A 153 -3.39 12.15 -13.55
N ILE A 154 -4.39 12.19 -12.66
CA ILE A 154 -4.44 11.25 -11.56
C ILE A 154 -4.49 9.82 -12.07
N GLY A 155 -5.16 9.60 -13.22
CA GLY A 155 -5.15 8.29 -13.84
C GLY A 155 -3.75 7.86 -14.22
N GLY A 156 -2.95 8.76 -14.78
CA GLY A 156 -1.58 8.44 -15.10
C GLY A 156 -0.74 8.20 -13.87
N ASN A 157 -0.99 8.97 -12.80
CA ASN A 157 -0.27 8.75 -11.55
C ASN A 157 -0.54 7.36 -11.01
N VAL A 158 -1.79 6.91 -11.04
CA VAL A 158 -2.12 5.58 -10.55
C VAL A 158 -1.54 4.51 -11.47
N ALA A 159 -1.69 4.70 -12.79
CA ALA A 159 -1.16 3.74 -13.76
C ALA A 159 0.35 3.55 -13.66
N THR A 160 1.09 4.61 -13.35
CA THR A 160 2.54 4.48 -13.21
C THR A 160 3.02 4.25 -11.79
N ASN A 161 2.11 4.23 -10.81
CA ASN A 161 2.46 4.16 -9.39
C ASN A 161 3.49 5.24 -9.05
N ALA A 162 3.09 6.48 -9.31
CA ALA A 162 3.99 7.60 -9.14
C ALA A 162 4.41 7.76 -7.68
N GLY A 163 5.68 8.11 -7.48
CA GLY A 163 6.23 8.35 -6.16
C GLY A 163 6.12 9.82 -5.80
N GLY A 164 7.22 10.54 -5.96
CA GLY A 164 7.21 11.97 -5.85
C GLY A 164 7.76 12.51 -4.55
N LEU A 165 7.37 13.76 -4.26
CA LEU A 165 8.08 14.61 -3.31
C LEU A 165 7.56 14.49 -1.89
N ARG A 166 6.41 13.84 -1.66
CA ARG A 166 5.88 13.63 -0.32
C ARG A 166 5.69 12.14 -0.05
N PHE A 167 6.35 11.30 -0.85
CA PHE A 167 6.32 9.85 -0.65
C PHE A 167 6.91 9.46 0.69
N LEU A 168 7.97 10.17 1.11
CA LEU A 168 8.60 9.94 2.40
C LEU A 168 7.60 10.01 3.55
N ARG A 169 6.61 10.91 3.45
CA ARG A 169 5.65 11.10 4.53
C ARG A 169 4.39 10.23 4.35
N TYR A 170 3.80 10.25 3.16
CA TYR A 170 2.51 9.60 2.94
C TYR A 170 2.60 8.25 2.24
N GLY A 171 3.72 7.93 1.63
CA GLY A 171 3.92 6.60 1.08
C GLY A 171 3.22 6.37 -0.25
N SER A 172 3.07 5.09 -0.56
CA SER A 172 2.72 4.63 -1.90
C SER A 172 1.24 4.80 -2.21
N LEU A 173 0.95 4.97 -3.50
CA LEU A 173 -0.43 4.87 -3.97
C LEU A 173 -1.02 3.50 -3.67
N HIS A 174 -0.18 2.45 -3.59
CA HIS A 174 -0.64 1.14 -3.14
C HIS A 174 -1.29 1.21 -1.76
N GLY A 175 -0.90 2.17 -0.93
CA GLY A 175 -1.55 2.39 0.34
C GLY A 175 -2.63 3.45 0.33
N THR A 176 -2.45 4.50 -0.46
CA THR A 176 -3.36 5.64 -0.40
C THR A 176 -4.53 5.53 -1.36
N VAL A 177 -4.43 4.71 -2.40
CA VAL A 177 -5.57 4.50 -3.29
C VAL A 177 -6.55 3.55 -2.61
N LEU A 178 -7.79 4.00 -2.45
CA LEU A 178 -8.80 3.17 -1.83
C LEU A 178 -9.65 2.41 -2.82
N GLY A 179 -9.83 2.94 -4.04
CA GLY A 179 -10.66 2.25 -4.99
C GLY A 179 -10.41 2.70 -6.42
N LEU A 180 -10.72 1.80 -7.35
CA LEU A 180 -10.57 2.13 -8.76
C LEU A 180 -11.73 1.57 -9.59
N GLU A 181 -12.20 2.37 -10.54
CA GLU A 181 -13.00 1.87 -11.64
C GLU A 181 -12.07 1.76 -12.85
N VAL A 182 -12.05 0.56 -13.45
CA VAL A 182 -11.18 0.24 -14.57
C VAL A 182 -11.99 -0.36 -15.70
N VAL A 183 -11.70 0.03 -16.94
CA VAL A 183 -12.33 -0.58 -18.11
C VAL A 183 -11.34 -1.54 -18.74
N LEU A 184 -11.72 -2.82 -18.83
CA LEU A 184 -10.85 -3.86 -19.35
C LEU A 184 -10.84 -3.87 -20.88
N ALA A 185 -9.90 -4.63 -21.44
CA ALA A 185 -9.65 -4.62 -22.88
C ALA A 185 -10.90 -4.96 -23.69
N ASP A 186 -11.76 -5.83 -23.18
CA ASP A 186 -12.97 -6.20 -23.90
C ASP A 186 -14.14 -5.25 -23.65
N GLY A 187 -13.92 -4.18 -22.88
CA GLY A 187 -14.98 -3.26 -22.53
C GLY A 187 -15.59 -3.50 -21.16
N THR A 188 -15.31 -4.63 -20.52
CA THR A 188 -15.87 -4.92 -19.21
C THR A 188 -15.49 -3.84 -18.21
N VAL A 189 -16.48 -3.31 -17.50
CA VAL A 189 -16.23 -2.33 -16.46
C VAL A 189 -16.03 -3.07 -15.14
N LEU A 190 -14.84 -2.95 -14.57
CA LEU A 190 -14.50 -3.53 -13.28
C LEU A 190 -14.67 -2.45 -12.22
N ASP A 191 -15.62 -2.67 -11.31
CA ASP A 191 -15.93 -1.76 -10.22
C ASP A 191 -15.22 -2.25 -8.96
N CYS A 192 -14.09 -1.64 -8.63
CA CYS A 192 -13.42 -1.81 -7.35
C CYS A 192 -13.38 -0.45 -6.67
N LEU A 193 -14.40 0.36 -6.92
CA LEU A 193 -14.43 1.77 -6.52
C LEU A 193 -15.07 1.92 -5.14
N THR A 194 -14.47 1.22 -4.18
CA THR A 194 -14.91 1.36 -2.81
C THR A 194 -14.31 2.63 -2.23
N SER A 195 -14.97 3.16 -1.20
CA SER A 195 -14.48 4.35 -0.50
C SER A 195 -14.28 4.07 0.98
N LEU A 196 -13.90 2.84 1.31
CA LEU A 196 -13.69 2.40 2.68
C LEU A 196 -12.21 2.41 2.99
N ARG A 197 -11.86 2.86 4.19
CA ARG A 197 -10.47 2.77 4.65
C ARG A 197 -9.99 1.33 4.73
N LYS A 198 -10.86 0.41 5.15
CA LYS A 198 -10.49 -0.98 5.36
C LYS A 198 -11.55 -1.90 4.78
N ASP A 199 -11.12 -2.83 3.91
CA ASP A 199 -12.07 -3.73 3.23
C ASP A 199 -11.32 -4.99 2.78
N ASN A 200 -11.32 -6.01 3.63
CA ASN A 200 -10.70 -7.31 3.33
C ASN A 200 -11.72 -8.34 2.87
N THR A 201 -12.55 -8.00 1.88
CA THR A 201 -13.53 -8.93 1.32
C THR A 201 -13.04 -9.47 -0.02
N GLY A 202 -11.97 -10.26 0.04
CA GLY A 202 -11.43 -10.92 -1.13
C GLY A 202 -10.13 -10.30 -1.59
N TYR A 203 -9.77 -10.60 -2.84
CA TYR A 203 -8.50 -10.14 -3.36
C TYR A 203 -8.55 -8.65 -3.65
N ASP A 204 -7.42 -7.97 -3.41
CA ASP A 204 -7.31 -6.53 -3.62
C ASP A 204 -6.99 -6.28 -5.10
N LEU A 205 -8.01 -6.51 -5.93
CA LEU A 205 -7.85 -6.49 -7.38
C LEU A 205 -7.29 -5.17 -7.89
N LYS A 206 -7.66 -4.05 -7.26
CA LYS A 206 -7.21 -2.74 -7.71
C LYS A 206 -5.70 -2.66 -7.76
N GLN A 207 -5.02 -3.38 -6.86
CA GLN A 207 -3.56 -3.37 -6.80
C GLN A 207 -2.94 -3.76 -8.14
N LEU A 208 -3.57 -4.67 -8.89
CA LEU A 208 -3.06 -5.04 -10.21
C LEU A 208 -2.95 -3.84 -11.15
N PHE A 209 -3.83 -2.87 -11.01
CA PHE A 209 -3.85 -1.76 -11.96
C PHE A 209 -3.00 -0.58 -11.53
N ILE A 210 -2.48 -0.60 -10.30
CA ILE A 210 -1.60 0.44 -9.82
C ILE A 210 -0.18 0.05 -10.23
N GLY A 211 0.41 0.82 -11.14
CA GLY A 211 1.67 0.46 -11.73
C GLY A 211 1.59 -0.41 -12.96
N SER A 212 0.40 -0.68 -13.48
CA SER A 212 0.25 -1.52 -14.67
C SER A 212 0.38 -0.75 -15.98
N GLU A 213 0.51 0.58 -15.93
CA GLU A 213 0.91 1.40 -17.08
C GLU A 213 0.01 1.17 -18.30
N GLY A 214 -1.29 0.99 -18.06
CA GLY A 214 -2.27 0.84 -19.13
C GLY A 214 -2.23 -0.45 -19.93
N THR A 215 -1.49 -1.46 -19.46
CA THR A 215 -1.42 -2.72 -20.19
C THR A 215 -2.47 -3.73 -19.73
N LEU A 216 -3.13 -3.48 -18.60
CA LEU A 216 -4.12 -4.38 -18.05
C LEU A 216 -5.52 -3.79 -18.03
N GLY A 217 -5.66 -2.50 -18.28
CA GLY A 217 -6.95 -1.85 -18.27
C GLY A 217 -6.79 -0.34 -18.27
N ILE A 218 -7.86 0.39 -18.57
CA ILE A 218 -7.84 1.84 -18.54
C ILE A 218 -8.54 2.28 -17.27
N ILE A 219 -7.80 2.96 -16.40
CA ILE A 219 -8.36 3.50 -15.17
C ILE A 219 -9.26 4.68 -15.53
N THR A 220 -10.52 4.61 -15.10
CA THR A 220 -11.47 5.67 -15.36
C THR A 220 -11.90 6.43 -14.12
N THR A 221 -11.89 5.81 -12.94
CA THR A 221 -12.27 6.54 -11.74
C THR A 221 -11.35 6.16 -10.59
N VAL A 222 -10.94 7.15 -9.80
CA VAL A 222 -10.04 6.91 -8.68
C VAL A 222 -10.68 7.41 -7.38
N SER A 223 -10.61 6.58 -6.34
CA SER A 223 -10.92 6.96 -4.97
C SER A 223 -9.62 6.88 -4.17
N ILE A 224 -9.28 7.98 -3.49
CA ILE A 224 -7.97 8.15 -2.87
C ILE A 224 -8.12 8.89 -1.55
N LEU A 225 -7.31 8.51 -0.57
CA LEU A 225 -7.33 9.09 0.77
C LEU A 225 -6.44 10.33 0.83
N CYS A 226 -7.05 11.50 1.07
CA CYS A 226 -6.30 12.74 1.15
C CYS A 226 -5.89 13.02 2.59
N PRO A 227 -4.61 13.23 2.88
CA PRO A 227 -4.20 13.64 4.22
C PRO A 227 -4.75 15.02 4.56
N PRO A 228 -4.93 15.31 5.85
CA PRO A 228 -5.28 16.67 6.25
C PRO A 228 -4.22 17.68 5.86
N LYS A 229 -4.66 18.90 5.61
CA LYS A 229 -3.73 19.96 5.22
C LYS A 229 -2.93 20.38 6.45
N PRO A 230 -1.61 20.41 6.39
CA PRO A 230 -0.82 20.80 7.57
C PRO A 230 -1.03 22.27 7.91
N ARG A 231 -1.08 22.54 9.20
CA ARG A 231 -1.12 23.92 9.68
C ARG A 231 0.20 24.62 9.41
N ALA A 232 1.31 23.91 9.52
CA ALA A 232 2.61 24.51 9.31
C ALA A 232 3.46 23.67 8.37
N VAL A 233 3.95 24.32 7.32
CA VAL A 233 4.90 23.74 6.38
C VAL A 233 6.15 24.59 6.45
N ASN A 234 7.29 23.95 6.70
CA ASN A 234 8.58 24.63 6.67
C ASN A 234 9.49 23.97 5.64
N VAL A 235 10.34 24.79 5.02
CA VAL A 235 11.34 24.30 4.09
C VAL A 235 12.70 24.88 4.49
N ALA A 236 13.68 24.00 4.64
CA ALA A 236 15.08 24.40 4.80
C ALA A 236 15.83 23.98 3.56
N PHE A 237 16.49 24.93 2.91
CA PHE A 237 17.38 24.67 1.79
C PHE A 237 18.81 24.86 2.28
N LEU A 238 19.58 23.78 2.28
CA LEU A 238 20.88 23.73 2.95
C LEU A 238 21.97 23.37 1.94
N GLY A 239 23.15 23.94 2.15
CA GLY A 239 24.33 23.60 1.37
C GLY A 239 25.25 22.72 2.19
N CYS A 240 25.62 21.57 1.61
CA CYS A 240 26.47 20.60 2.26
C CYS A 240 27.79 20.47 1.51
N PRO A 241 28.89 20.33 2.25
CA PRO A 241 30.23 20.32 1.65
C PRO A 241 30.64 18.98 1.07
N GLY A 242 29.84 17.94 1.23
CA GLY A 242 30.10 16.67 0.59
C GLY A 242 28.94 15.73 0.83
N PHE A 243 28.99 14.58 0.15
CA PHE A 243 27.90 13.61 0.28
C PHE A 243 27.89 12.90 1.63
N ALA A 244 29.05 12.69 2.26
CA ALA A 244 29.06 12.16 3.62
C ALA A 244 28.23 13.04 4.54
N GLU A 245 28.35 14.35 4.38
CA GLU A 245 27.59 15.28 5.21
C GLU A 245 26.13 15.28 4.82
N VAL A 246 25.81 15.11 3.53
CA VAL A 246 24.43 14.91 3.12
C VAL A 246 23.81 13.73 3.87
N LEU A 247 24.51 12.59 3.90
CA LEU A 247 23.99 11.40 4.58
C LEU A 247 23.84 11.63 6.09
N GLN A 248 24.79 12.35 6.71
CA GLN A 248 24.63 12.67 8.13
C GLN A 248 23.57 13.70 8.40
N THR A 249 23.39 14.66 7.51
CA THR A 249 22.25 15.55 7.61
C THR A 249 20.94 14.79 7.56
N PHE A 250 20.84 13.78 6.68
CA PHE A 250 19.64 12.93 6.64
C PHE A 250 19.43 12.19 7.95
N SER A 251 20.48 11.54 8.47
CA SER A 251 20.36 10.79 9.73
C SER A 251 19.94 11.71 10.87
N THR A 252 20.59 12.87 10.97
CA THR A 252 20.28 13.80 12.05
C THR A 252 18.88 14.36 11.89
N CYS A 253 18.49 14.72 10.66
CA CYS A 253 17.13 15.14 10.34
C CYS A 253 16.09 14.15 10.85
N LYS A 254 16.31 12.84 10.62
CA LYS A 254 15.36 11.87 11.12
C LYS A 254 15.37 11.80 12.65
N GLY A 255 16.55 11.91 13.26
CA GLY A 255 16.60 11.91 14.71
C GLY A 255 15.97 13.12 15.39
N MET A 256 16.07 14.30 14.77
CA MET A 256 15.69 15.54 15.42
C MET A 256 14.36 16.11 14.96
N LEU A 257 13.90 15.81 13.74
CA LEU A 257 12.61 16.26 13.25
C LEU A 257 11.55 15.17 13.32
N GLY A 258 11.92 13.95 12.97
CA GLY A 258 11.04 12.81 13.20
C GLY A 258 9.74 12.85 12.41
N GLU A 259 8.63 12.72 13.11
CA GLU A 259 7.32 12.58 12.47
C GLU A 259 6.87 13.80 11.69
N ILE A 260 7.45 14.98 11.92
CA ILE A 260 7.03 16.13 11.11
C ILE A 260 7.70 16.16 9.75
N LEU A 261 8.72 15.33 9.52
CA LEU A 261 9.40 15.34 8.24
C LEU A 261 8.46 14.91 7.12
N SER A 262 8.38 15.73 6.08
CA SER A 262 7.54 15.41 4.92
C SER A 262 8.32 15.34 3.62
N ALA A 263 9.56 15.82 3.57
CA ALA A 263 10.34 15.66 2.36
C ALA A 263 11.82 15.81 2.69
N PHE A 264 12.64 15.03 1.97
CA PHE A 264 14.10 15.14 2.03
C PHE A 264 14.65 14.87 0.63
N GLU A 265 15.04 15.94 -0.07
CA GLU A 265 15.53 15.89 -1.44
C GLU A 265 16.96 16.40 -1.47
N PHE A 266 17.74 15.93 -2.45
CA PHE A 266 19.09 16.43 -2.63
C PHE A 266 19.36 16.70 -4.11
N MET A 267 20.38 17.52 -4.35
CA MET A 267 20.85 17.82 -5.70
C MET A 267 22.32 18.21 -5.62
N ASP A 268 23.06 17.98 -6.70
CA ASP A 268 24.46 18.36 -6.69
C ASP A 268 24.67 19.76 -7.28
N ALA A 269 25.92 20.21 -7.25
CA ALA A 269 26.28 21.54 -7.77
C ALA A 269 25.89 21.73 -9.22
N VAL A 270 26.16 20.72 -10.07
CA VAL A 270 25.91 20.88 -11.50
C VAL A 270 24.42 21.09 -11.76
N CYS A 271 23.56 20.43 -10.97
CA CYS A 271 22.12 20.67 -11.07
C CYS A 271 21.77 22.13 -10.80
N MET A 272 22.33 22.70 -9.74
CA MET A 272 22.08 24.10 -9.40
C MET A 272 22.53 25.01 -10.55
N GLN A 273 23.72 24.75 -11.09
CA GLN A 273 24.21 25.50 -12.24
C GLN A 273 23.28 25.39 -13.44
N LEU A 274 22.77 24.18 -13.70
CA LEU A 274 21.89 23.99 -14.86
C LEU A 274 20.54 24.68 -14.69
N VAL A 275 19.95 24.65 -13.49
CA VAL A 275 18.70 25.37 -13.32
C VAL A 275 18.94 26.87 -13.43
N GLY A 276 20.08 27.37 -12.95
CA GLY A 276 20.39 28.77 -13.11
C GLY A 276 20.60 29.15 -14.57
N ARG A 277 21.32 28.31 -15.32
CA ARG A 277 21.63 28.58 -16.72
C ARG A 277 20.37 28.53 -17.59
N HIS A 278 19.63 27.43 -17.54
CA HIS A 278 18.53 27.23 -18.47
C HIS A 278 17.20 27.81 -17.99
N LEU A 279 16.97 27.86 -16.67
CA LEU A 279 15.72 28.35 -16.11
C LEU A 279 15.84 29.71 -15.44
N HIS A 280 17.05 30.23 -15.27
CA HIS A 280 17.26 31.58 -14.75
C HIS A 280 16.75 31.70 -13.31
N LEU A 281 16.98 30.65 -12.54
CA LEU A 281 16.64 30.60 -11.12
C LEU A 281 17.92 30.73 -10.30
N ALA A 282 18.00 31.78 -9.47
CA ALA A 282 19.20 32.04 -8.70
C ALA A 282 19.24 31.20 -7.43
N SER A 283 20.44 30.77 -7.05
CA SER A 283 20.61 30.06 -5.79
C SER A 283 20.43 31.00 -4.60
N PRO A 284 19.75 30.55 -3.54
CA PRO A 284 19.58 31.36 -2.33
C PRO A 284 20.65 31.16 -1.27
N VAL A 285 21.58 30.23 -1.48
CA VAL A 285 22.65 29.96 -0.52
C VAL A 285 23.99 29.98 -1.25
N GLN A 286 25.06 29.97 -0.46
CA GLN A 286 26.41 29.97 -1.02
C GLN A 286 26.64 28.74 -1.88
N GLU A 287 27.56 28.87 -2.82
CA GLU A 287 27.89 27.75 -3.70
C GLU A 287 28.37 26.58 -2.85
N SER A 288 27.81 25.40 -3.09
CA SER A 288 28.19 24.20 -2.37
C SER A 288 28.22 23.03 -3.33
N PRO A 289 28.99 21.98 -3.01
CA PRO A 289 28.94 20.77 -3.84
C PRO A 289 27.60 20.05 -3.77
N PHE A 290 26.89 20.15 -2.64
CA PHE A 290 25.59 19.50 -2.55
C PHE A 290 24.57 20.43 -1.90
N TYR A 291 23.30 20.28 -2.29
CA TYR A 291 22.19 20.99 -1.68
C TYR A 291 21.14 19.98 -1.22
N VAL A 292 20.51 20.28 -0.08
CA VAL A 292 19.46 19.48 0.52
C VAL A 292 18.23 20.34 0.75
N LEU A 293 17.09 19.89 0.24
CA LEU A 293 15.80 20.51 0.52
C LEU A 293 15.05 19.64 1.53
N ILE A 294 14.79 20.18 2.72
CA ILE A 294 14.04 19.51 3.77
C ILE A 294 12.68 20.20 3.88
N GLU A 295 11.60 19.41 3.84
CA GLU A 295 10.28 19.94 4.15
C GLU A 295 9.75 19.26 5.41
N THR A 296 9.07 20.05 6.26
CA THR A 296 8.30 19.55 7.38
C THR A 296 6.85 19.99 7.25
N SER A 297 5.97 19.18 7.83
CA SER A 297 4.53 19.41 7.86
C SER A 297 4.00 18.98 9.22
N GLY A 298 3.36 19.91 9.94
CA GLY A 298 2.87 19.58 11.27
C GLY A 298 1.66 20.39 11.68
N SER A 299 1.10 20.00 12.82
CA SER A 299 -0.13 20.56 13.35
C SER A 299 0.09 21.69 14.33
N ASN A 300 1.28 21.78 14.94
CA ASN A 300 1.61 22.87 15.85
C ASN A 300 2.83 23.59 15.29
N ALA A 301 2.59 24.80 14.76
CA ALA A 301 3.66 25.56 14.10
C ALA A 301 4.81 25.88 15.03
N GLY A 302 4.51 26.15 16.31
CA GLY A 302 5.58 26.48 17.24
C GLY A 302 6.48 25.31 17.57
N HIS A 303 5.88 24.12 17.77
CA HIS A 303 6.69 22.92 18.01
C HIS A 303 7.57 22.61 16.80
N ASP A 304 7.01 22.73 15.60
CA ASP A 304 7.79 22.51 14.39
C ASP A 304 8.94 23.50 14.30
N ALA A 305 8.66 24.78 14.51
CA ALA A 305 9.70 25.80 14.45
C ALA A 305 10.80 25.53 15.47
N GLU A 306 10.44 25.09 16.67
CA GLU A 306 11.45 24.73 17.67
C GLU A 306 12.30 23.54 17.22
N LYS A 307 11.65 22.51 16.64
CA LYS A 307 12.39 21.36 16.15
C LYS A 307 13.37 21.77 15.05
N LEU A 308 12.91 22.59 14.10
CA LEU A 308 13.78 23.07 13.03
C LEU A 308 14.92 23.90 13.59
N GLY A 309 14.61 24.79 14.53
CA GLY A 309 15.67 25.60 15.13
C GLY A 309 16.78 24.77 15.74
N HIS A 310 16.42 23.80 16.59
CA HIS A 310 17.43 22.96 17.22
C HIS A 310 18.17 22.11 16.20
N PHE A 311 17.46 21.59 15.19
CA PHE A 311 18.10 20.82 14.13
C PHE A 311 19.12 21.67 13.37
N LEU A 312 18.70 22.85 12.92
CA LEU A 312 19.58 23.74 12.17
C LEU A 312 20.79 24.12 13.01
N GLU A 313 20.56 24.53 14.26
CA GLU A 313 21.66 24.89 15.14
C GLU A 313 22.69 23.78 15.24
N HIS A 314 22.24 22.54 15.45
CA HIS A 314 23.17 21.42 15.53
C HIS A 314 23.88 21.14 14.21
N ALA A 315 23.14 21.20 13.09
CA ALA A 315 23.75 20.90 11.80
C ALA A 315 24.78 21.94 11.38
N LEU A 316 24.46 23.22 11.52
CA LEU A 316 25.46 24.27 11.28
C LEU A 316 26.61 24.16 12.27
N GLY A 317 26.33 23.87 13.54
CA GLY A 317 27.37 23.80 14.55
C GLY A 317 28.34 22.65 14.35
N SER A 318 27.85 21.51 13.85
CA SER A 318 28.71 20.34 13.68
C SER A 318 29.32 20.28 12.29
N GLY A 319 29.20 21.33 11.49
CA GLY A 319 29.77 21.35 10.16
C GLY A 319 29.09 20.49 9.12
N LEU A 320 27.89 19.95 9.42
CA LEU A 320 27.17 19.20 8.40
C LEU A 320 26.65 20.11 7.31
N VAL A 321 26.17 21.30 7.68
CA VAL A 321 25.69 22.30 6.75
C VAL A 321 26.59 23.53 6.85
N THR A 322 26.89 24.13 5.69
CA THR A 322 27.73 25.31 5.59
C THR A 322 26.89 26.59 5.58
N ASP A 323 25.81 26.59 4.81
CA ASP A 323 24.93 27.75 4.67
C ASP A 323 23.52 27.23 4.48
N GLY A 324 22.54 27.94 5.03
CA GLY A 324 21.16 27.49 4.96
C GLY A 324 20.19 28.64 4.92
N THR A 325 19.07 28.41 4.24
CA THR A 325 17.93 29.33 4.26
C THR A 325 16.66 28.59 4.63
N MET A 326 15.83 29.23 5.46
CA MET A 326 14.55 28.67 5.86
C MET A 326 13.39 29.51 5.32
N ALA A 327 12.25 28.86 5.16
CA ALA A 327 11.06 29.53 4.66
C ALA A 327 9.80 28.88 5.22
N THR A 328 8.87 29.71 5.66
CA THR A 328 7.51 29.29 5.96
C THR A 328 6.46 30.02 5.13
N ASP A 329 6.79 31.21 4.63
CA ASP A 329 5.93 31.92 3.68
C ASP A 329 5.70 31.09 2.43
N GLN A 330 4.44 30.94 2.03
CA GLN A 330 4.08 30.09 0.90
C GLN A 330 4.86 30.47 -0.36
N ARG A 331 5.06 31.77 -0.58
CA ARG A 331 5.77 32.23 -1.78
C ARG A 331 7.22 31.78 -1.77
N LYS A 332 7.93 32.01 -0.67
CA LYS A 332 9.34 31.62 -0.62
C LYS A 332 9.47 30.10 -0.57
N VAL A 333 8.51 29.41 0.05
CA VAL A 333 8.49 27.95 0.02
C VAL A 333 8.42 27.46 -1.43
N LYS A 334 7.52 28.06 -2.22
CA LYS A 334 7.43 27.68 -3.63
C LYS A 334 8.68 28.04 -4.40
N MET A 335 9.32 29.16 -4.05
CA MET A 335 10.58 29.53 -4.68
C MET A 335 11.65 28.46 -4.45
N LEU A 336 11.84 28.05 -3.20
CA LEU A 336 12.81 27.02 -2.89
C LEU A 336 12.47 25.69 -3.56
N TRP A 337 11.20 25.28 -3.49
CA TRP A 337 10.77 24.06 -4.15
C TRP A 337 11.03 24.09 -5.66
N ALA A 338 10.84 25.25 -6.31
CA ALA A 338 11.09 25.34 -7.75
C ALA A 338 12.52 24.97 -8.13
N LEU A 339 13.50 25.28 -7.27
CA LEU A 339 14.89 24.91 -7.53
C LEU A 339 15.08 23.41 -7.70
N ARG A 340 14.28 22.61 -6.99
CA ARG A 340 14.32 21.16 -7.07
C ARG A 340 13.37 20.60 -8.14
N GLU A 341 12.13 21.06 -8.15
CA GLU A 341 11.11 20.50 -9.03
C GLU A 341 11.47 20.58 -10.51
N ARG A 342 12.19 21.64 -10.92
CA ARG A 342 12.48 21.93 -12.30
C ARG A 342 13.87 21.49 -12.75
N ILE A 343 14.54 20.62 -12.00
CA ILE A 343 15.86 20.16 -12.43
C ILE A 343 15.76 19.37 -13.73
N THR A 344 14.81 18.42 -13.79
CA THR A 344 14.63 17.60 -14.99
C THR A 344 14.41 18.44 -16.25
N GLU A 345 13.68 19.56 -16.12
CA GLU A 345 13.50 20.46 -17.26
C GLU A 345 14.81 21.11 -17.65
N ALA A 346 15.54 21.66 -16.69
CA ALA A 346 16.83 22.25 -17.00
C ALA A 346 17.75 21.25 -17.69
N LEU A 347 17.69 19.99 -17.28
CA LEU A 347 18.49 18.94 -17.91
C LEU A 347 18.11 18.72 -19.37
N SER A 348 16.81 18.63 -19.67
CA SER A 348 16.41 18.45 -21.06
C SER A 348 16.72 19.66 -21.95
N ARG A 349 17.04 20.81 -21.35
CA ARG A 349 17.50 21.98 -22.07
C ARG A 349 19.03 22.05 -22.22
N ASP A 350 19.77 21.13 -21.60
CA ASP A 350 21.23 21.12 -21.68
C ASP A 350 21.74 20.34 -22.88
N GLY A 351 20.85 19.66 -23.60
CA GLY A 351 21.22 18.81 -24.72
C GLY A 351 20.54 17.46 -24.63
N TYR A 352 21.14 16.43 -25.23
CA TYR A 352 20.55 15.11 -25.17
C TYR A 352 20.74 14.50 -23.78
N VAL A 353 19.69 13.86 -23.27
CA VAL A 353 19.65 13.37 -21.90
C VAL A 353 19.59 11.85 -21.90
N TYR A 354 20.56 11.21 -21.26
CA TYR A 354 20.52 9.81 -20.90
C TYR A 354 20.02 9.75 -19.47
N LYS A 355 18.88 9.09 -19.27
CA LYS A 355 18.12 9.18 -18.03
C LYS A 355 18.04 7.83 -17.35
N TYR A 356 18.46 7.77 -16.09
CA TYR A 356 18.36 6.57 -15.29
C TYR A 356 17.67 6.91 -13.97
N ASP A 357 16.82 6.01 -13.51
CA ASP A 357 16.01 6.21 -12.30
C ASP A 357 16.22 4.97 -11.45
N LEU A 358 17.10 5.07 -10.44
CA LEU A 358 17.62 3.90 -9.73
C LEU A 358 17.25 3.93 -8.26
N SER A 359 16.94 2.75 -7.73
CA SER A 359 16.90 2.52 -6.28
C SER A 359 18.20 1.86 -5.87
N LEU A 360 18.92 2.49 -4.95
CA LEU A 360 20.23 2.02 -4.49
C LEU A 360 20.30 2.22 -2.98
N PRO A 361 21.18 1.47 -2.30
CA PRO A 361 21.43 1.76 -0.89
C PRO A 361 21.80 3.23 -0.73
N VAL A 362 21.14 3.88 0.24
CA VAL A 362 21.32 5.32 0.42
C VAL A 362 22.79 5.67 0.65
N GLU A 363 23.49 4.85 1.43
CA GLU A 363 24.90 5.08 1.72
C GLU A 363 25.79 5.07 0.49
N ARG A 364 25.33 4.52 -0.64
CA ARG A 364 26.14 4.57 -1.86
C ARG A 364 25.35 5.16 -3.01
N LEU A 365 24.39 6.05 -2.71
CA LEU A 365 23.50 6.59 -3.73
C LEU A 365 24.24 7.40 -4.80
N TYR A 366 25.29 8.14 -4.41
CA TYR A 366 26.00 9.03 -5.32
C TYR A 366 27.22 8.40 -5.95
N ASP A 367 27.63 7.22 -5.48
CA ASP A 367 28.84 6.57 -5.96
C ASP A 367 28.84 6.40 -7.48
N ILE A 368 27.69 6.10 -8.07
CA ILE A 368 27.62 5.90 -9.51
C ILE A 368 27.87 7.21 -10.26
N VAL A 369 27.47 8.35 -9.70
CA VAL A 369 27.75 9.63 -10.35
C VAL A 369 29.26 9.87 -10.44
N THR A 370 29.98 9.65 -9.34
CA THR A 370 31.44 9.81 -9.37
C THR A 370 32.07 8.80 -10.31
N ASP A 371 31.58 7.56 -10.29
CA ASP A 371 32.09 6.55 -11.21
C ASP A 371 31.89 6.97 -12.66
N LEU A 372 30.69 7.41 -13.02
CA LEU A 372 30.44 7.83 -14.40
C LEU A 372 31.30 9.04 -14.76
N ARG A 373 31.51 9.96 -13.83
CA ARG A 373 32.36 11.11 -14.12
C ARG A 373 33.79 10.68 -14.43
N ALA A 374 34.28 9.68 -13.71
CA ALA A 374 35.62 9.17 -14.04
C ALA A 374 35.61 8.37 -15.33
N ARG A 375 34.57 7.55 -15.55
CA ARG A 375 34.52 6.69 -16.72
C ARG A 375 34.32 7.50 -17.98
N LEU A 376 33.43 8.49 -17.94
CA LEU A 376 33.19 9.42 -19.05
C LEU A 376 33.97 10.70 -18.76
N GLY A 377 35.04 10.94 -19.48
CA GLY A 377 35.83 12.11 -19.20
C GLY A 377 35.21 13.32 -19.87
N PRO A 378 35.83 13.78 -20.96
CA PRO A 378 35.32 14.92 -21.71
C PRO A 378 34.27 14.56 -22.76
N HIS A 379 33.88 13.29 -22.83
CA HIS A 379 32.89 12.82 -23.79
C HIS A 379 31.45 13.03 -23.32
N ALA A 380 31.22 13.39 -22.06
CA ALA A 380 29.91 13.81 -21.62
C ALA A 380 29.95 15.31 -21.38
N LYS A 381 28.81 15.98 -21.57
CA LYS A 381 28.70 17.38 -21.19
C LYS A 381 28.61 17.54 -19.68
N HIS A 382 27.62 16.89 -19.06
CA HIS A 382 27.48 16.89 -17.61
C HIS A 382 27.01 15.51 -17.14
N VAL A 383 27.42 15.14 -15.94
CA VAL A 383 26.84 14.02 -15.20
C VAL A 383 26.29 14.56 -13.89
N VAL A 384 25.00 14.34 -13.65
CA VAL A 384 24.35 14.83 -12.44
C VAL A 384 23.64 13.71 -11.71
N GLY A 385 23.51 13.89 -10.39
CA GLY A 385 22.69 13.07 -9.53
C GLY A 385 21.84 13.94 -8.63
N TYR A 386 20.55 13.63 -8.52
CA TYR A 386 19.68 14.32 -7.59
C TYR A 386 18.55 13.38 -7.19
N GLY A 387 17.68 13.84 -6.31
CA GLY A 387 16.42 13.14 -6.12
C GLY A 387 16.06 12.73 -4.71
N HIS A 388 15.24 11.68 -4.59
CA HIS A 388 14.59 11.35 -3.32
C HIS A 388 15.52 10.49 -2.48
N LEU A 389 16.52 11.16 -1.87
CA LEU A 389 17.48 10.45 -1.05
C LEU A 389 16.81 9.72 0.11
N GLY A 390 15.78 10.33 0.70
CA GLY A 390 15.07 9.69 1.79
C GLY A 390 14.48 8.35 1.42
N ASP A 391 14.10 8.18 0.15
CA ASP A 391 13.53 6.94 -0.34
C ASP A 391 14.54 6.10 -1.12
N GLY A 392 15.82 6.44 -1.03
CA GLY A 392 16.84 5.67 -1.74
C GLY A 392 16.74 5.74 -3.24
N ASN A 393 16.32 6.88 -3.79
CA ASN A 393 15.96 6.96 -5.20
C ASN A 393 16.79 8.06 -5.84
N LEU A 394 17.71 7.65 -6.72
CA LEU A 394 18.60 8.56 -7.42
C LEU A 394 18.10 8.76 -8.84
N HIS A 395 18.00 10.02 -9.24
CA HIS A 395 17.83 10.39 -10.64
C HIS A 395 19.23 10.70 -11.13
N LEU A 396 19.71 9.87 -12.06
CA LEU A 396 21.05 9.96 -12.62
C LEU A 396 20.87 10.41 -14.06
N ASN A 397 21.49 11.51 -14.43
CA ASN A 397 21.37 11.99 -15.79
C ASN A 397 22.73 12.34 -16.37
N VAL A 398 22.89 12.00 -17.65
CA VAL A 398 24.06 12.40 -18.42
C VAL A 398 23.57 13.24 -19.59
N THR A 399 24.21 14.38 -19.79
CA THR A 399 23.88 15.25 -20.91
C THR A 399 25.02 15.17 -21.91
N ALA A 400 24.66 15.30 -23.18
CA ALA A 400 25.64 15.41 -24.26
C ALA A 400 25.20 16.49 -25.24
N GLU A 401 26.20 17.07 -25.92
CA GLU A 401 25.91 18.08 -26.93
C GLU A 401 25.03 17.53 -28.05
N ALA A 402 25.19 16.25 -28.38
CA ALA A 402 24.28 15.51 -29.25
C ALA A 402 24.31 14.06 -28.82
N PHE A 403 23.30 13.30 -29.24
CA PHE A 403 23.31 11.88 -28.93
C PHE A 403 24.51 11.22 -29.59
N SER A 404 25.15 10.30 -28.85
CA SER A 404 26.29 9.55 -29.35
C SER A 404 26.04 8.07 -29.10
N PRO A 405 26.05 7.22 -30.12
CA PRO A 405 26.05 5.77 -29.84
C PRO A 405 27.25 5.33 -29.02
N SER A 406 28.38 6.03 -29.16
CA SER A 406 29.54 5.81 -28.29
C SER A 406 29.17 5.97 -26.82
N LEU A 407 28.57 7.10 -26.48
CA LEU A 407 28.24 7.38 -25.08
C LEU A 407 27.21 6.39 -24.55
N LEU A 408 26.26 5.99 -25.40
CA LEU A 408 25.31 4.94 -25.02
C LEU A 408 26.03 3.63 -24.70
N ALA A 409 26.96 3.22 -25.57
CA ALA A 409 27.74 2.01 -25.28
C ALA A 409 28.53 2.13 -23.99
N ALA A 410 28.99 3.35 -23.66
CA ALA A 410 29.67 3.54 -22.37
C ALA A 410 28.71 3.46 -21.18
N LEU A 411 27.47 3.92 -21.34
CA LEU A 411 26.52 3.94 -20.22
C LEU A 411 25.77 2.62 -20.01
N GLU A 412 25.44 1.92 -21.08
CA GLU A 412 24.59 0.74 -21.03
C GLU A 412 25.30 -0.44 -21.67
N PRO A 413 25.32 -1.62 -21.03
CA PRO A 413 24.59 -2.01 -19.81
C PRO A 413 25.22 -1.62 -18.48
N HIS A 414 26.40 -0.99 -18.50
CA HIS A 414 27.18 -0.72 -17.30
C HIS A 414 26.34 -0.19 -16.13
N VAL A 415 25.52 0.84 -16.36
CA VAL A 415 24.72 1.42 -15.28
C VAL A 415 23.75 0.39 -14.70
N TYR A 416 23.09 -0.38 -15.58
CA TYR A 416 22.16 -1.41 -15.12
C TYR A 416 22.88 -2.52 -14.38
N GLU A 417 24.08 -2.88 -14.84
CA GLU A 417 24.86 -3.90 -14.15
C GLU A 417 25.28 -3.44 -12.77
N TRP A 418 25.74 -2.19 -12.64
CA TRP A 418 26.05 -1.63 -11.34
C TRP A 418 24.84 -1.71 -10.41
N THR A 419 23.68 -1.22 -10.88
CA THR A 419 22.46 -1.29 -10.09
C THR A 419 22.16 -2.72 -9.65
N ALA A 420 22.23 -3.68 -10.58
CA ALA A 420 22.00 -5.07 -10.20
C ALA A 420 23.01 -5.54 -9.16
N GLY A 421 24.27 -5.14 -9.30
CA GLY A 421 25.28 -5.42 -8.30
C GLY A 421 24.94 -4.86 -6.93
N GLN A 422 24.11 -3.82 -6.86
CA GLN A 422 23.63 -3.31 -5.58
C GLN A 422 22.26 -3.86 -5.20
N GLN A 423 21.77 -4.88 -5.90
CA GLN A 423 20.41 -5.40 -5.74
C GLN A 423 19.37 -4.28 -5.83
N GLY A 424 19.58 -3.36 -6.77
CA GLY A 424 18.79 -2.16 -6.88
C GLY A 424 17.68 -2.31 -7.91
N SER A 425 16.96 -1.21 -8.13
CA SER A 425 15.93 -1.15 -9.15
C SER A 425 16.40 -0.30 -10.32
N VAL A 426 16.28 -0.85 -11.53
CA VAL A 426 16.56 -0.11 -12.76
C VAL A 426 15.44 0.83 -13.17
N SER A 427 14.31 0.83 -12.46
CA SER A 427 13.31 1.89 -12.64
C SER A 427 12.57 2.04 -11.30
N ALA A 428 13.06 2.97 -10.48
CA ALA A 428 12.48 3.17 -9.15
C ALA A 428 11.07 3.72 -9.21
N GLU A 429 10.83 4.68 -10.12
CA GLU A 429 9.62 5.49 -10.10
C GLU A 429 8.91 5.51 -11.44
N HIS A 430 9.67 5.87 -12.48
CA HIS A 430 9.08 6.25 -13.76
C HIS A 430 8.43 5.06 -14.46
N GLY A 431 8.84 3.85 -14.11
CA GLY A 431 8.27 2.66 -14.66
C GLY A 431 9.07 2.13 -15.82
N VAL A 432 8.38 1.39 -16.69
CA VAL A 432 9.03 0.57 -17.71
C VAL A 432 8.70 1.11 -19.11
N GLY A 433 7.41 1.15 -19.44
CA GLY A 433 6.97 1.67 -20.72
C GLY A 433 7.65 0.99 -21.90
N PHE A 434 7.95 1.81 -22.91
CA PHE A 434 8.70 1.34 -24.08
C PHE A 434 10.20 1.25 -23.81
N ARG A 435 10.77 2.27 -23.17
CA ARG A 435 12.22 2.38 -23.03
C ARG A 435 12.86 1.20 -22.28
N LYS A 436 12.23 0.73 -21.20
CA LYS A 436 12.90 -0.19 -20.28
C LYS A 436 12.37 -1.62 -20.35
N ARG A 437 11.57 -1.95 -21.36
CA ARG A 437 10.93 -3.27 -21.41
C ARG A 437 11.93 -4.42 -21.43
N ASP A 438 13.12 -4.20 -21.99
CA ASP A 438 14.11 -5.27 -22.12
C ASP A 438 15.24 -5.18 -21.10
N VAL A 439 15.10 -4.37 -20.05
CA VAL A 439 16.12 -4.36 -19.00
C VAL A 439 15.55 -4.74 -17.63
N LEU A 440 14.35 -5.33 -17.58
CA LEU A 440 13.79 -5.70 -16.28
C LEU A 440 14.50 -6.89 -15.65
N GLY A 441 15.22 -7.69 -16.43
CA GLY A 441 15.98 -8.80 -15.87
C GLY A 441 17.02 -8.39 -14.85
N TYR A 442 17.43 -7.13 -14.86
CA TYR A 442 18.35 -6.63 -13.83
C TYR A 442 17.68 -6.39 -12.49
N SER A 443 16.34 -6.35 -12.44
CA SER A 443 15.63 -6.20 -11.17
C SER A 443 14.62 -7.29 -10.88
N LYS A 444 14.26 -8.11 -11.86
CA LYS A 444 13.21 -9.10 -11.69
C LYS A 444 13.68 -10.44 -12.24
N PRO A 445 13.43 -11.52 -11.51
CA PRO A 445 13.83 -12.85 -12.00
C PRO A 445 12.85 -13.34 -13.05
N PRO A 446 13.26 -14.32 -13.85
CA PRO A 446 12.40 -14.75 -14.98
C PRO A 446 11.02 -15.26 -14.57
N GLY A 447 10.88 -15.90 -13.40
CA GLY A 447 9.58 -16.37 -12.98
C GLY A 447 8.57 -15.27 -12.70
N ALA A 448 9.03 -14.18 -12.09
CA ALA A 448 8.19 -12.99 -11.94
C ALA A 448 7.72 -12.46 -13.29
N LEU A 449 8.66 -12.20 -14.20
CA LEU A 449 8.28 -11.69 -15.52
C LEU A 449 7.33 -12.64 -16.24
N GLN A 450 7.49 -13.95 -16.02
CA GLN A 450 6.60 -14.93 -16.63
C GLN A 450 5.19 -14.80 -16.08
N LEU A 451 5.06 -14.70 -14.76
CA LEU A 451 3.73 -14.50 -14.18
C LEU A 451 3.11 -13.19 -14.67
N MET A 452 3.92 -12.13 -14.81
CA MET A 452 3.43 -10.88 -15.38
C MET A 452 2.83 -11.10 -16.76
N GLN A 453 3.55 -11.85 -17.61
CA GLN A 453 3.03 -12.15 -18.94
C GLN A 453 1.74 -12.96 -18.88
N GLN A 454 1.64 -13.88 -17.91
CA GLN A 454 0.41 -14.65 -17.75
C GLN A 454 -0.76 -13.76 -17.36
N LEU A 455 -0.54 -12.78 -16.49
CA LEU A 455 -1.60 -11.85 -16.13
C LEU A 455 -2.01 -11.00 -17.32
N LYS A 456 -1.03 -10.51 -18.08
CA LYS A 456 -1.34 -9.77 -19.31
C LYS A 456 -2.21 -10.60 -20.24
N ALA A 457 -1.87 -11.87 -20.42
CA ALA A 457 -2.65 -12.74 -21.30
C ALA A 457 -4.05 -13.00 -20.76
N LEU A 458 -4.20 -13.09 -19.44
CA LEU A 458 -5.53 -13.28 -18.86
C LEU A 458 -6.41 -12.03 -19.04
N LEU A 459 -5.86 -10.86 -18.74
CA LEU A 459 -6.68 -9.63 -18.74
C LEU A 459 -6.85 -9.04 -20.13
N ASP A 460 -5.91 -9.28 -21.05
CA ASP A 460 -5.95 -8.69 -22.37
C ASP A 460 -5.38 -9.70 -23.36
N PRO A 461 -6.12 -10.78 -23.63
CA PRO A 461 -5.60 -11.83 -24.52
C PRO A 461 -5.27 -11.37 -25.92
N LYS A 462 -5.98 -10.39 -26.47
CA LYS A 462 -5.62 -9.88 -27.80
C LYS A 462 -4.45 -8.92 -27.76
N GLY A 463 -4.06 -8.44 -26.58
CA GLY A 463 -2.94 -7.52 -26.48
C GLY A 463 -3.18 -6.18 -27.12
N ILE A 464 -4.43 -5.71 -27.14
CA ILE A 464 -4.77 -4.44 -27.78
C ILE A 464 -4.37 -3.25 -26.91
N LEU A 465 -4.29 -3.42 -25.60
CA LEU A 465 -3.96 -2.31 -24.70
C LEU A 465 -2.45 -2.11 -24.60
N ASN A 466 -1.98 -0.97 -25.09
CA ASN A 466 -0.58 -0.57 -24.99
C ASN A 466 0.40 -1.65 -25.45
N PRO A 467 0.35 -2.04 -26.73
CA PRO A 467 1.37 -2.98 -27.24
C PRO A 467 2.76 -2.39 -27.16
N TYR A 468 3.74 -3.28 -27.22
CA TYR A 468 5.18 -2.97 -27.21
C TYR A 468 5.63 -2.45 -25.86
N LYS A 469 4.75 -2.50 -24.86
CA LYS A 469 5.02 -2.16 -23.48
C LYS A 469 4.34 -3.23 -22.64
N THR A 470 4.52 -3.24 -21.31
CA THR A 470 5.69 -2.74 -20.58
C THR A 470 6.36 -3.99 -20.02
N LEU A 471 6.17 -5.08 -20.74
CA LEU A 471 6.71 -6.41 -20.48
C LEU A 471 7.81 -6.72 -21.49
N PRO A 472 8.71 -7.67 -21.17
CA PRO A 472 9.79 -7.95 -22.11
C PRO A 472 9.25 -8.36 -23.48
N SER A 473 10.07 -8.15 -24.50
CA SER A 473 9.66 -8.43 -25.88
C SER A 473 9.41 -9.92 -26.11
N PRO B 7 -24.98 -29.04 3.47
CA PRO B 7 -23.68 -28.46 3.79
C PRO B 7 -22.73 -28.45 2.59
N VAL B 8 -21.46 -28.16 2.83
CA VAL B 8 -20.48 -28.16 1.76
C VAL B 8 -20.02 -29.59 1.48
N ARG B 9 -19.70 -29.86 0.23
CA ARG B 9 -19.35 -31.19 -0.25
C ARG B 9 -17.85 -31.24 -0.52
N ARG B 10 -17.21 -32.30 -0.04
CA ARG B 10 -15.78 -32.48 -0.29
C ARG B 10 -15.51 -32.65 -1.78
N LEU B 11 -14.58 -31.84 -2.29
CA LEU B 11 -14.16 -31.95 -3.68
C LEU B 11 -13.33 -33.20 -3.90
N PRO B 12 -13.22 -33.68 -5.16
CA PRO B 12 -12.60 -34.99 -5.42
C PRO B 12 -11.07 -34.97 -5.38
N PHE B 13 -10.53 -34.57 -4.24
CA PHE B 13 -9.09 -34.66 -4.03
C PHE B 13 -8.74 -36.11 -3.67
N SER B 14 -7.47 -36.45 -3.89
CA SER B 14 -6.97 -37.73 -3.41
C SER B 14 -6.89 -37.72 -1.88
N THR B 15 -6.40 -38.82 -1.31
CA THR B 15 -6.21 -38.94 0.12
C THR B 15 -4.75 -39.27 0.41
N VAL B 16 -4.35 -39.01 1.65
CA VAL B 16 -2.96 -39.22 2.05
C VAL B 16 -2.73 -40.72 2.25
N SER B 17 -1.79 -41.27 1.49
CA SER B 17 -1.37 -42.65 1.62
C SER B 17 -0.12 -42.77 2.48
N LYS B 18 0.24 -44.03 2.80
CA LYS B 18 1.53 -44.32 3.43
C LYS B 18 2.70 -43.85 2.58
N GLN B 19 2.56 -43.94 1.25
CA GLN B 19 3.62 -43.49 0.36
C GLN B 19 3.77 -41.97 0.41
N ASP B 20 2.66 -41.25 0.56
CA ASP B 20 2.75 -39.81 0.76
C ASP B 20 3.46 -39.49 2.07
N LEU B 21 3.15 -40.22 3.15
CA LEU B 21 3.84 -39.98 4.41
C LEU B 21 5.34 -40.21 4.28
N ALA B 22 5.75 -41.25 3.54
CA ALA B 22 7.18 -41.47 3.32
C ALA B 22 7.81 -40.40 2.45
N ALA B 23 7.09 -39.92 1.43
CA ALA B 23 7.56 -38.80 0.63
C ALA B 23 7.76 -37.53 1.47
N PHE B 24 6.80 -37.22 2.33
CA PHE B 24 6.94 -36.04 3.19
C PHE B 24 8.08 -36.25 4.20
N GLU B 25 8.26 -37.47 4.67
CA GLU B 25 9.36 -37.74 5.59
C GLU B 25 10.69 -37.52 4.89
N ARG B 26 10.77 -37.88 3.60
CA ARG B 26 11.96 -37.56 2.81
C ARG B 26 12.15 -36.05 2.70
N ILE B 27 11.08 -35.32 2.39
CA ILE B 27 11.19 -33.90 2.08
C ILE B 27 11.44 -33.05 3.32
N VAL B 28 10.75 -33.35 4.42
CA VAL B 28 11.02 -32.63 5.66
C VAL B 28 11.28 -33.64 6.78
N PRO B 29 12.51 -34.11 6.92
CA PRO B 29 12.83 -35.08 7.99
C PRO B 29 12.50 -34.52 9.37
N GLY B 30 11.74 -35.30 10.13
CA GLY B 30 11.34 -34.88 11.46
C GLY B 30 10.26 -33.83 11.52
N GLY B 31 9.63 -33.52 10.38
CA GLY B 31 8.62 -32.48 10.33
C GLY B 31 7.24 -32.98 9.93
N VAL B 32 6.99 -34.27 10.14
CA VAL B 32 5.72 -34.89 9.78
C VAL B 32 5.07 -35.36 11.06
N VAL B 33 3.90 -34.82 11.37
CA VAL B 33 3.13 -35.19 12.55
C VAL B 33 1.86 -35.87 12.08
N THR B 34 1.69 -37.13 12.48
CA THR B 34 0.52 -37.91 12.12
C THR B 34 -0.32 -38.37 13.30
N ASP B 35 0.19 -38.24 14.52
CA ASP B 35 -0.54 -38.72 15.69
C ASP B 35 -1.89 -38.02 15.81
N PRO B 36 -3.01 -38.77 15.84
CA PRO B 36 -4.33 -38.12 15.89
C PRO B 36 -4.53 -37.16 17.06
N GLU B 37 -4.00 -37.51 18.24
CA GLU B 37 -4.11 -36.64 19.39
C GLU B 37 -3.30 -35.35 19.22
N ALA B 38 -2.17 -35.41 18.52
CA ALA B 38 -1.41 -34.20 18.20
C ALA B 38 -2.10 -33.32 17.16
N LEU B 39 -2.85 -33.90 16.23
CA LEU B 39 -3.58 -33.14 15.22
C LEU B 39 -4.85 -32.48 15.73
N GLN B 40 -5.25 -32.78 16.98
CA GLN B 40 -6.45 -32.16 17.56
C GLN B 40 -6.34 -30.65 17.51
N ALA B 41 -5.32 -30.09 18.17
CA ALA B 41 -5.22 -28.65 18.29
C ALA B 41 -5.15 -27.94 16.94
N PRO B 42 -4.24 -28.31 16.03
CA PRO B 42 -4.22 -27.63 14.72
C PRO B 42 -5.47 -27.83 13.90
N ASN B 43 -6.31 -28.83 14.22
CA ASN B 43 -7.57 -28.95 13.48
C ASN B 43 -8.68 -28.01 13.97
N VAL B 44 -8.53 -27.38 15.13
CA VAL B 44 -9.59 -26.52 15.70
C VAL B 44 -9.20 -25.05 15.55
N ASP B 45 -10.15 -24.23 15.08
CA ASP B 45 -9.93 -22.80 14.93
C ASP B 45 -9.88 -22.10 16.28
N TRP B 46 -9.47 -20.82 16.25
CA TRP B 46 -9.33 -20.05 17.48
C TRP B 46 -10.64 -19.91 18.25
N LEU B 47 -11.76 -19.75 17.54
CA LEU B 47 -13.06 -19.62 18.20
C LEU B 47 -13.58 -20.94 18.73
N ARG B 48 -12.99 -22.07 18.32
CA ARG B 48 -13.38 -23.41 18.73
C ARG B 48 -14.77 -23.80 18.22
N THR B 49 -15.16 -23.25 17.08
CA THR B 49 -16.45 -23.62 16.50
C THR B 49 -16.30 -24.31 15.15
N LEU B 50 -15.07 -24.50 14.67
CA LEU B 50 -14.82 -25.29 13.47
C LEU B 50 -13.71 -26.29 13.76
N ARG B 51 -13.89 -27.53 13.30
CA ARG B 51 -12.87 -28.55 13.49
C ARG B 51 -12.68 -29.31 12.19
N GLY B 52 -11.43 -29.40 11.73
CA GLY B 52 -11.13 -30.24 10.59
C GLY B 52 -10.80 -31.68 10.97
N CYS B 53 -10.65 -32.51 9.94
CA CYS B 53 -10.31 -33.92 10.08
C CYS B 53 -9.00 -34.27 9.39
N SER B 54 -8.07 -33.33 9.38
CA SER B 54 -6.75 -33.56 8.79
C SER B 54 -6.00 -34.64 9.55
N LYS B 55 -5.31 -35.49 8.79
CA LYS B 55 -4.50 -36.57 9.34
C LYS B 55 -3.00 -36.35 9.20
N VAL B 56 -2.55 -35.21 8.71
CA VAL B 56 -1.11 -34.95 8.64
C VAL B 56 -0.83 -33.46 8.80
N LEU B 57 0.12 -33.15 9.67
CA LEU B 57 0.68 -31.82 9.86
C LEU B 57 2.13 -31.84 9.40
N LEU B 58 2.47 -30.95 8.47
CA LEU B 58 3.84 -30.79 8.00
C LEU B 58 4.39 -29.47 8.51
N ARG B 59 5.61 -29.51 9.05
CA ARG B 59 6.26 -28.34 9.62
C ARG B 59 7.64 -28.11 9.01
N PRO B 60 7.70 -27.67 7.75
CA PRO B 60 8.98 -27.44 7.09
C PRO B 60 9.79 -26.34 7.77
N ARG B 61 11.11 -26.37 7.55
CA ARG B 61 11.97 -25.28 8.00
C ARG B 61 12.36 -24.29 6.91
N THR B 62 12.34 -24.69 5.64
CA THR B 62 12.93 -23.89 4.57
C THR B 62 11.95 -23.74 3.41
N SER B 63 12.21 -22.74 2.57
CA SER B 63 11.39 -22.50 1.38
C SER B 63 11.47 -23.67 0.40
N GLU B 64 12.65 -24.26 0.24
CA GLU B 64 12.78 -25.40 -0.66
C GLU B 64 11.89 -26.55 -0.22
N GLU B 65 11.82 -26.79 1.08
CA GLU B 65 10.94 -27.84 1.60
C GLU B 65 9.48 -27.54 1.29
N VAL B 66 9.07 -26.27 1.37
CA VAL B 66 7.69 -25.92 1.03
C VAL B 66 7.43 -26.13 -0.45
N SER B 67 8.36 -25.70 -1.30
CA SER B 67 8.30 -25.96 -2.73
C SER B 67 8.12 -27.44 -3.05
N HIS B 68 8.95 -28.29 -2.45
CA HIS B 68 8.88 -29.73 -2.73
C HIS B 68 7.59 -30.36 -2.19
N ILE B 69 7.16 -29.97 -1.00
CA ILE B 69 5.87 -30.43 -0.47
C ILE B 69 4.76 -30.11 -1.45
N LEU B 70 4.68 -28.85 -1.89
CA LEU B 70 3.59 -28.46 -2.77
C LEU B 70 3.70 -29.13 -4.13
N ARG B 71 4.92 -29.30 -4.65
CA ARG B 71 5.13 -30.08 -5.86
C ARG B 71 4.50 -31.47 -5.75
N HIS B 72 4.79 -32.16 -4.65
CA HIS B 72 4.24 -33.49 -4.41
C HIS B 72 2.71 -33.45 -4.35
N CYS B 73 2.17 -32.53 -3.55
CA CYS B 73 0.72 -32.39 -3.45
C CYS B 73 0.07 -32.06 -4.80
N HIS B 74 0.76 -31.28 -5.64
CA HIS B 74 0.24 -30.95 -6.96
C HIS B 74 0.19 -32.19 -7.86
N GLU B 75 1.27 -32.96 -7.90
CA GLU B 75 1.21 -34.20 -8.68
C GLU B 75 0.15 -35.16 -8.16
N ARG B 76 0.02 -35.25 -6.83
CA ARG B 76 -0.89 -36.21 -6.21
C ARG B 76 -2.33 -35.71 -6.06
N ASN B 77 -2.59 -34.43 -6.32
CA ASN B 77 -3.91 -33.83 -6.12
C ASN B 77 -4.34 -33.90 -4.65
N LEU B 78 -3.44 -33.51 -3.76
CA LEU B 78 -3.71 -33.43 -2.33
C LEU B 78 -3.94 -31.98 -1.93
N ALA B 79 -5.07 -31.73 -1.28
CA ALA B 79 -5.40 -30.39 -0.82
C ALA B 79 -4.54 -29.98 0.38
N VAL B 80 -4.20 -28.69 0.44
CA VAL B 80 -3.30 -28.14 1.44
C VAL B 80 -3.96 -26.94 2.11
N ASN B 81 -3.89 -26.91 3.44
CA ASN B 81 -4.39 -25.84 4.30
C ASN B 81 -3.18 -25.18 4.96
N PRO B 82 -2.72 -24.05 4.46
CA PRO B 82 -1.65 -23.31 5.15
C PRO B 82 -2.12 -22.83 6.51
N GLN B 83 -1.21 -22.84 7.49
CA GLN B 83 -1.54 -22.39 8.83
C GLN B 83 -0.36 -21.65 9.45
N GLY B 84 -0.65 -20.49 10.05
CA GLY B 84 0.34 -19.79 10.86
C GLY B 84 0.10 -19.92 12.35
N GLY B 85 -0.19 -18.81 13.02
CA GLY B 85 -0.50 -18.83 14.44
C GLY B 85 -1.85 -19.41 14.79
N ASN B 86 -2.71 -19.69 13.79
CA ASN B 86 -4.06 -20.20 14.00
C ASN B 86 -4.88 -19.28 14.92
N THR B 87 -4.70 -17.97 14.76
CA THR B 87 -5.49 -16.96 15.46
C THR B 87 -6.56 -16.34 14.57
N GLY B 88 -6.64 -16.76 13.30
CA GLY B 88 -7.64 -16.24 12.40
C GLY B 88 -9.06 -16.45 12.89
N MET B 89 -9.94 -15.53 12.48
CA MET B 89 -11.29 -15.44 13.01
C MET B 89 -12.36 -15.92 12.04
N VAL B 90 -11.99 -16.35 10.84
CA VAL B 90 -12.99 -16.59 9.80
C VAL B 90 -12.92 -18.02 9.24
N GLY B 91 -12.38 -18.95 10.03
CA GLY B 91 -12.29 -20.33 9.58
C GLY B 91 -11.32 -20.62 8.46
N GLY B 92 -10.50 -19.66 8.05
CA GLY B 92 -9.56 -19.93 6.96
C GLY B 92 -8.37 -20.79 7.35
N SER B 93 -8.13 -20.95 8.65
CA SER B 93 -6.86 -21.48 9.16
C SER B 93 -6.88 -22.98 9.45
N VAL B 94 -8.05 -23.61 9.45
CA VAL B 94 -8.14 -25.03 9.77
C VAL B 94 -8.84 -25.74 8.61
N PRO B 95 -8.60 -27.03 8.45
CA PRO B 95 -9.24 -27.78 7.36
C PRO B 95 -10.74 -27.91 7.54
N VAL B 96 -11.41 -28.11 6.42
CA VAL B 96 -12.83 -28.44 6.43
C VAL B 96 -13.02 -29.95 6.49
N PHE B 97 -12.29 -30.67 5.63
CA PHE B 97 -12.24 -32.12 5.61
C PHE B 97 -10.85 -32.60 6.02
N ASP B 98 -10.09 -33.17 5.08
CA ASP B 98 -8.83 -33.82 5.38
C ASP B 98 -7.66 -33.15 4.65
N GLU B 99 -7.73 -31.83 4.47
CA GLU B 99 -6.62 -31.10 3.86
C GLU B 99 -5.36 -31.22 4.71
N ILE B 100 -4.22 -31.35 4.04
CA ILE B 100 -2.95 -31.41 4.75
C ILE B 100 -2.69 -30.06 5.42
N ILE B 101 -2.35 -30.07 6.70
CA ILE B 101 -2.04 -28.82 7.41
C ILE B 101 -0.55 -28.52 7.22
N LEU B 102 -0.26 -27.43 6.51
CA LEU B 102 1.12 -26.96 6.31
C LEU B 102 1.44 -25.79 7.25
N SER B 103 2.20 -26.06 8.30
CA SER B 103 2.45 -25.09 9.35
C SER B 103 3.80 -24.40 9.10
N THR B 104 3.83 -23.09 9.34
CA THR B 104 5.05 -22.29 9.29
C THR B 104 5.74 -22.14 10.64
N ALA B 105 5.28 -22.89 11.66
CA ALA B 105 5.81 -22.77 13.00
C ALA B 105 7.34 -22.86 13.07
N ARG B 106 7.95 -23.66 12.20
CA ARG B 106 9.39 -23.86 12.23
C ARG B 106 10.13 -23.02 11.21
N MET B 107 9.44 -22.12 10.51
CA MET B 107 10.06 -21.15 9.61
C MET B 107 10.13 -19.81 10.33
N ASN B 108 11.01 -19.75 11.33
CA ASN B 108 10.99 -18.67 12.31
C ASN B 108 12.32 -17.94 12.45
N ARG B 109 13.06 -17.83 11.35
CA ARG B 109 14.37 -17.18 11.34
C ARG B 109 14.27 -15.77 10.78
N VAL B 110 15.07 -14.86 11.34
CA VAL B 110 15.25 -13.55 10.74
C VAL B 110 16.41 -13.69 9.78
N LEU B 111 16.20 -13.26 8.53
CA LEU B 111 17.26 -13.33 7.53
C LEU B 111 18.23 -12.14 7.63
N SER B 112 17.70 -10.93 7.72
CA SER B 112 18.55 -9.74 7.78
C SER B 112 17.74 -8.56 8.28
N PHE B 113 18.45 -7.57 8.84
CA PHE B 113 17.85 -6.31 9.26
C PHE B 113 18.86 -5.19 9.02
N HIS B 114 18.46 -4.17 8.25
CA HIS B 114 19.35 -3.06 7.95
C HIS B 114 19.01 -1.94 8.92
N SER B 115 19.96 -1.61 9.80
CA SER B 115 19.73 -0.70 10.91
C SER B 115 19.66 0.76 10.50
N VAL B 116 19.76 1.06 9.21
CA VAL B 116 19.58 2.41 8.71
C VAL B 116 18.29 2.55 7.92
N SER B 117 18.09 1.70 6.91
CA SER B 117 16.83 1.73 6.16
C SER B 117 15.67 1.20 6.98
N GLY B 118 15.93 0.36 7.98
CA GLY B 118 14.88 -0.24 8.77
C GLY B 118 14.12 -1.34 8.07
N ILE B 119 14.74 -1.96 7.07
CA ILE B 119 14.11 -3.04 6.30
C ILE B 119 14.40 -4.38 6.97
N LEU B 120 13.34 -5.08 7.35
CA LEU B 120 13.43 -6.41 7.94
C LEU B 120 13.11 -7.44 6.87
N VAL B 121 13.90 -8.51 6.83
CA VAL B 121 13.58 -9.68 6.02
C VAL B 121 13.61 -10.90 6.92
N CYS B 122 12.52 -11.66 6.91
CA CYS B 122 12.38 -12.77 7.85
C CYS B 122 11.46 -13.82 7.26
N GLN B 123 11.56 -15.03 7.79
CA GLN B 123 10.67 -16.12 7.38
C GLN B 123 9.23 -15.87 7.85
N ALA B 124 8.30 -16.43 7.08
CA ALA B 124 6.86 -16.23 7.31
C ALA B 124 6.41 -16.65 8.69
N GLY B 125 7.04 -17.65 9.30
CA GLY B 125 6.60 -18.13 10.59
C GLY B 125 7.15 -17.44 11.81
N CYS B 126 7.90 -16.36 11.65
CA CYS B 126 8.28 -15.53 12.79
C CYS B 126 7.07 -14.93 13.49
N VAL B 127 7.03 -15.08 14.81
CA VAL B 127 5.91 -14.62 15.62
C VAL B 127 6.00 -13.10 15.78
N LEU B 128 4.88 -12.42 15.56
CA LEU B 128 4.86 -10.95 15.52
C LEU B 128 5.52 -10.33 16.76
N GLU B 129 5.16 -10.81 17.96
CA GLU B 129 5.72 -10.24 19.18
C GLU B 129 7.22 -10.43 19.25
N GLU B 130 7.70 -11.55 18.73
CA GLU B 130 9.14 -11.82 18.75
C GLU B 130 9.88 -10.91 17.77
N LEU B 131 9.27 -10.66 16.60
CA LEU B 131 9.84 -9.68 15.68
C LEU B 131 9.84 -8.28 16.29
N SER B 132 8.80 -7.94 17.05
CA SER B 132 8.77 -6.65 17.73
C SER B 132 9.91 -6.54 18.73
N ARG B 133 10.12 -7.57 19.53
CA ARG B 133 11.25 -7.55 20.47
C ARG B 133 12.58 -7.40 19.73
N TYR B 134 12.72 -8.11 18.60
CA TYR B 134 13.96 -8.06 17.83
C TYR B 134 14.24 -6.66 17.29
N VAL B 135 13.26 -6.05 16.63
CA VAL B 135 13.51 -4.74 16.05
C VAL B 135 13.59 -3.65 17.12
N GLU B 136 12.81 -3.76 18.20
CA GLU B 136 12.86 -2.76 19.26
C GLU B 136 14.23 -2.73 19.95
N GLU B 137 14.87 -3.90 20.11
CA GLU B 137 16.26 -3.88 20.56
C GLU B 137 17.14 -3.00 19.67
N ARG B 138 16.80 -2.86 18.39
CA ARG B 138 17.54 -2.01 17.46
C ARG B 138 16.86 -0.66 17.18
N ASP B 139 15.94 -0.23 18.03
CA ASP B 139 15.25 1.08 17.92
C ASP B 139 14.39 1.20 16.67
N PHE B 140 13.75 0.11 16.27
CA PHE B 140 12.69 0.17 15.29
C PHE B 140 11.46 -0.50 15.88
N ILE B 141 10.32 -0.38 15.19
CA ILE B 141 9.11 -1.08 15.58
C ILE B 141 8.52 -1.75 14.35
N MET B 142 7.64 -2.71 14.61
CA MET B 142 6.87 -3.30 13.53
C MET B 142 5.80 -2.31 13.07
N PRO B 143 5.52 -2.23 11.77
CA PRO B 143 4.49 -1.31 11.28
C PRO B 143 3.07 -1.72 11.65
N LEU B 144 2.88 -2.89 12.27
CA LEU B 144 1.57 -3.34 12.71
C LEU B 144 1.68 -3.99 14.08
N ASP B 145 0.57 -3.96 14.81
CA ASP B 145 0.47 -4.65 16.08
C ASP B 145 -0.97 -5.11 16.27
N LEU B 146 -1.16 -6.22 16.97
CA LEU B 146 -2.50 -6.73 17.25
C LEU B 146 -2.49 -7.58 18.50
N GLY B 147 -3.68 -7.74 19.07
CA GLY B 147 -3.85 -8.52 20.28
C GLY B 147 -3.33 -9.94 20.19
N ALA B 148 -3.31 -10.50 18.98
CA ALA B 148 -2.77 -11.83 18.71
C ALA B 148 -1.25 -11.88 18.62
N LYS B 149 -0.56 -10.76 18.83
CA LYS B 149 0.89 -10.68 18.61
C LYS B 149 1.64 -11.87 19.17
N GLY B 150 1.21 -12.39 20.33
CA GLY B 150 1.91 -13.50 20.94
C GLY B 150 1.87 -14.80 20.16
N SER B 151 0.94 -14.94 19.21
CA SER B 151 0.83 -16.21 18.51
C SER B 151 0.85 -16.06 16.98
N CYS B 152 0.38 -14.93 16.46
CA CYS B 152 0.23 -14.82 15.02
C CYS B 152 1.58 -14.73 14.34
N HIS B 153 1.65 -15.27 13.13
CA HIS B 153 2.87 -15.27 12.34
C HIS B 153 2.81 -14.11 11.33
N ILE B 154 3.98 -13.54 11.05
CA ILE B 154 4.06 -12.45 10.07
C ILE B 154 3.50 -12.90 8.73
N GLY B 155 3.72 -14.16 8.36
CA GLY B 155 3.13 -14.67 7.13
C GLY B 155 1.62 -14.69 7.17
N GLY B 156 1.05 -15.07 8.32
CA GLY B 156 -0.39 -14.95 8.50
C GLY B 156 -0.89 -13.52 8.38
N ASN B 157 -0.18 -12.59 9.02
CA ASN B 157 -0.56 -11.19 8.93
C ASN B 157 -0.59 -10.70 7.48
N VAL B 158 0.44 -11.03 6.70
CA VAL B 158 0.45 -10.66 5.29
C VAL B 158 -0.68 -11.35 4.53
N ALA B 159 -0.89 -12.65 4.77
CA ALA B 159 -1.92 -13.38 4.04
C ALA B 159 -3.32 -12.86 4.33
N THR B 160 -3.58 -12.42 5.56
CA THR B 160 -4.88 -11.86 5.93
C THR B 160 -4.97 -10.35 5.73
N ASN B 161 -3.86 -9.69 5.38
CA ASN B 161 -3.79 -8.23 5.34
C ASN B 161 -4.25 -7.61 6.66
N ALA B 162 -3.63 -8.06 7.75
CA ALA B 162 -4.02 -7.66 9.10
C ALA B 162 -3.94 -6.14 9.28
N GLY B 163 -4.94 -5.58 9.97
CA GLY B 163 -4.97 -4.17 10.29
C GLY B 163 -4.26 -3.88 11.60
N GLY B 164 -5.03 -3.73 12.68
CA GLY B 164 -4.47 -3.63 14.02
C GLY B 164 -4.43 -2.22 14.60
N LEU B 165 -3.67 -2.11 15.69
CA LEU B 165 -3.79 -1.01 16.65
C LEU B 165 -3.00 0.24 16.25
N ARG B 166 -2.12 0.14 15.26
CA ARG B 166 -1.34 1.29 14.81
C ARG B 166 -1.52 1.54 13.31
N PHE B 167 -2.59 0.97 12.76
CA PHE B 167 -2.91 1.14 11.34
C PHE B 167 -3.13 2.61 11.00
N LEU B 168 -3.84 3.33 11.88
CA LEU B 168 -4.07 4.76 11.72
C LEU B 168 -2.78 5.55 11.48
N ARG B 169 -1.66 5.10 12.05
CA ARG B 169 -0.40 5.80 11.90
C ARG B 169 0.46 5.28 10.75
N TYR B 170 0.62 3.96 10.64
CA TYR B 170 1.54 3.39 9.67
C TYR B 170 0.88 2.79 8.43
N GLY B 171 -0.44 2.66 8.42
CA GLY B 171 -1.16 2.21 7.23
C GLY B 171 -1.10 0.72 6.94
N SER B 172 -1.57 0.39 5.73
CA SER B 172 -1.75 -0.99 5.31
C SER B 172 -0.44 -1.72 5.06
N LEU B 173 -0.49 -3.04 5.21
CA LEU B 173 0.59 -3.91 4.74
C LEU B 173 0.79 -3.80 3.24
N HIS B 174 -0.27 -3.48 2.50
CA HIS B 174 -0.13 -3.19 1.07
C HIS B 174 0.88 -2.08 0.82
N GLY B 175 1.07 -1.18 1.80
CA GLY B 175 2.11 -0.18 1.73
C GLY B 175 3.43 -0.53 2.39
N THR B 176 3.38 -1.26 3.51
CA THR B 176 4.59 -1.48 4.31
C THR B 176 5.35 -2.75 3.93
N VAL B 177 4.69 -3.72 3.28
CA VAL B 177 5.40 -4.89 2.78
C VAL B 177 6.20 -4.48 1.55
N LEU B 178 7.50 -4.68 1.60
CA LEU B 178 8.36 -4.36 0.47
C LEU B 178 8.54 -5.53 -0.48
N GLY B 179 8.44 -6.76 0.01
CA GLY B 179 8.63 -7.90 -0.88
C GLY B 179 8.20 -9.20 -0.26
N LEU B 180 7.95 -10.17 -1.11
CA LEU B 180 7.55 -11.50 -0.65
C LEU B 180 8.23 -12.59 -1.48
N GLU B 181 8.60 -13.67 -0.81
CA GLU B 181 8.85 -14.94 -1.48
C GLU B 181 7.63 -15.82 -1.23
N VAL B 182 7.08 -16.36 -2.32
CA VAL B 182 5.82 -17.12 -2.30
C VAL B 182 6.01 -18.43 -3.07
N VAL B 183 5.55 -19.53 -2.49
CA VAL B 183 5.54 -20.81 -3.20
C VAL B 183 4.14 -21.02 -3.77
N LEU B 184 4.06 -21.21 -5.09
CA LEU B 184 2.80 -21.42 -5.77
C LEU B 184 2.34 -22.88 -5.65
N ALA B 185 1.09 -23.12 -6.06
CA ALA B 185 0.46 -24.42 -5.86
C ALA B 185 1.25 -25.56 -6.48
N ASP B 186 1.86 -25.33 -7.64
CA ASP B 186 2.67 -26.37 -8.25
C ASP B 186 4.10 -26.44 -7.70
N GLY B 187 4.42 -25.63 -6.68
CA GLY B 187 5.73 -25.65 -6.07
C GLY B 187 6.73 -24.67 -6.65
N THR B 188 6.36 -23.91 -7.68
CA THR B 188 7.19 -22.83 -8.20
C THR B 188 7.48 -21.77 -7.12
N VAL B 189 8.76 -21.47 -6.93
CA VAL B 189 9.16 -20.43 -5.99
C VAL B 189 9.16 -19.10 -6.74
N LEU B 190 8.20 -18.24 -6.39
CA LEU B 190 8.09 -16.89 -6.95
C LEU B 190 8.87 -15.93 -6.07
N ASP B 191 9.94 -15.36 -6.64
CA ASP B 191 10.82 -14.42 -5.95
C ASP B 191 10.39 -13.00 -6.26
N CYS B 192 9.59 -12.41 -5.37
CA CYS B 192 9.26 -10.99 -5.41
C CYS B 192 9.86 -10.34 -4.17
N LEU B 193 11.01 -10.84 -3.73
CA LEU B 193 11.61 -10.47 -2.44
C LEU B 193 12.55 -9.27 -2.59
N THR B 194 11.92 -8.14 -2.91
CA THR B 194 12.54 -6.85 -3.20
C THR B 194 12.72 -5.94 -1.99
N SER B 195 13.82 -6.10 -1.25
CA SER B 195 14.04 -5.27 -0.07
C SER B 195 14.42 -3.85 -0.49
N LEU B 196 13.54 -3.22 -1.26
CA LEU B 196 13.74 -1.85 -1.74
C LEU B 196 12.51 -1.01 -1.40
N ARG B 197 12.76 0.25 -1.00
CA ARG B 197 11.67 1.18 -0.70
C ARG B 197 10.81 1.44 -1.94
N LYS B 198 11.44 1.60 -3.11
CA LYS B 198 10.74 1.90 -4.36
C LYS B 198 11.28 1.01 -5.47
N ASP B 199 10.37 0.53 -6.32
CA ASP B 199 10.71 -0.37 -7.42
C ASP B 199 9.55 -0.55 -8.38
N ASN B 200 9.55 0.20 -9.48
CA ASN B 200 8.50 0.11 -10.49
C ASN B 200 8.97 -0.63 -11.74
N THR B 201 9.47 -1.85 -11.54
CA THR B 201 9.94 -2.68 -12.65
C THR B 201 8.92 -3.79 -12.93
N GLY B 202 7.79 -3.37 -13.49
CA GLY B 202 6.73 -4.30 -13.87
C GLY B 202 5.62 -4.34 -12.83
N TYR B 203 4.78 -5.36 -12.96
CA TYR B 203 3.61 -5.47 -12.10
C TYR B 203 4.02 -5.77 -10.66
N ASP B 204 3.27 -5.21 -9.71
CA ASP B 204 3.52 -5.41 -8.28
C ASP B 204 2.85 -6.71 -7.87
N LEU B 205 3.48 -7.82 -8.28
CA LEU B 205 2.86 -9.13 -8.13
C LEU B 205 2.58 -9.47 -6.66
N LYS B 206 3.45 -9.03 -5.75
CA LYS B 206 3.29 -9.35 -4.34
C LYS B 206 1.95 -8.89 -3.79
N GLN B 207 1.38 -7.81 -4.35
CA GLN B 207 0.11 -7.30 -3.84
C GLN B 207 -0.99 -8.35 -3.92
N LEU B 208 -0.96 -9.21 -4.94
CA LEU B 208 -1.97 -10.26 -5.05
C LEU B 208 -1.97 -11.20 -3.86
N PHE B 209 -0.81 -11.41 -3.23
CA PHE B 209 -0.73 -12.37 -2.14
C PHE B 209 -0.98 -11.75 -0.78
N ILE B 210 -1.05 -10.42 -0.71
CA ILE B 210 -1.40 -9.71 0.52
C ILE B 210 -2.92 -9.71 0.57
N GLY B 211 -3.49 -10.39 1.58
CA GLY B 211 -4.92 -10.51 1.68
C GLY B 211 -5.54 -11.68 0.93
N SER B 212 -4.73 -12.56 0.33
CA SER B 212 -5.25 -13.70 -0.42
C SER B 212 -5.49 -14.94 0.43
N GLU B 213 -5.12 -14.91 1.72
CA GLU B 213 -5.54 -15.92 2.69
C GLU B 213 -5.16 -17.34 2.25
N GLY B 214 -3.97 -17.47 1.64
CA GLY B 214 -3.44 -18.76 1.25
C GLY B 214 -4.12 -19.48 0.10
N THR B 215 -4.94 -18.79 -0.69
CA THR B 215 -5.58 -19.42 -1.85
C THR B 215 -4.81 -19.23 -3.15
N LEU B 216 -3.81 -18.36 -3.19
CA LEU B 216 -3.02 -18.11 -4.39
C LEU B 216 -1.57 -18.54 -4.25
N GLY B 217 -1.12 -18.80 -3.03
CA GLY B 217 0.24 -19.25 -2.81
C GLY B 217 0.55 -19.17 -1.34
N ILE B 218 1.67 -19.78 -0.97
CA ILE B 218 2.11 -19.83 0.42
C ILE B 218 3.26 -18.86 0.58
N ILE B 219 3.08 -17.87 1.45
CA ILE B 219 4.12 -16.91 1.71
C ILE B 219 5.20 -17.57 2.56
N THR B 220 6.43 -17.51 2.09
CA THR B 220 7.54 -18.10 2.83
C THR B 220 8.52 -17.07 3.36
N THR B 221 8.69 -15.94 2.68
CA THR B 221 9.59 -14.93 3.20
C THR B 221 8.98 -13.54 3.02
N VAL B 222 9.20 -12.67 4.01
CA VAL B 222 8.64 -11.32 3.98
C VAL B 222 9.76 -10.30 4.15
N SER B 223 9.70 -9.25 3.33
CA SER B 223 10.51 -8.04 3.48
C SER B 223 9.54 -6.92 3.81
N ILE B 224 9.77 -6.26 4.95
CA ILE B 224 8.84 -5.31 5.53
C ILE B 224 9.58 -4.08 6.06
N LEU B 225 8.98 -2.91 5.84
CA LEU B 225 9.50 -1.62 6.30
C LEU B 225 9.12 -1.38 7.75
N CYS B 226 10.13 -1.24 8.62
CA CYS B 226 9.89 -1.04 10.05
C CYS B 226 10.05 0.42 10.41
N PRO B 227 9.02 1.09 10.93
CA PRO B 227 9.16 2.49 11.36
C PRO B 227 10.20 2.61 12.47
N PRO B 228 10.80 3.78 12.64
CA PRO B 228 11.70 3.98 13.78
C PRO B 228 10.95 3.91 15.09
N LYS B 229 11.65 3.48 16.13
CA LYS B 229 11.04 3.41 17.45
C LYS B 229 10.85 4.82 17.98
N PRO B 230 9.63 5.20 18.39
CA PRO B 230 9.43 6.57 18.88
C PRO B 230 10.16 6.82 20.18
N ARG B 231 10.70 8.03 20.30
CA ARG B 231 11.34 8.43 21.56
C ARG B 231 10.33 8.53 22.69
N ALA B 232 9.12 9.00 22.38
CA ALA B 232 8.11 9.23 23.40
C ALA B 232 6.81 8.57 22.99
N VAL B 233 6.25 7.77 23.89
CA VAL B 233 4.95 7.14 23.73
C VAL B 233 4.10 7.57 24.92
N ASN B 234 2.92 8.09 24.63
CA ASN B 234 1.96 8.43 25.67
C ASN B 234 0.67 7.66 25.44
N VAL B 235 -0.02 7.31 26.53
CA VAL B 235 -1.36 6.76 26.40
C VAL B 235 -2.30 7.53 27.33
N ALA B 236 -3.46 7.91 26.80
CA ALA B 236 -4.55 8.48 27.58
C ALA B 236 -5.76 7.57 27.48
N PHE B 237 -6.43 7.35 28.60
CA PHE B 237 -7.60 6.50 28.68
C PHE B 237 -8.73 7.32 29.27
N LEU B 238 -9.84 7.45 28.53
CA LEU B 238 -10.84 8.48 28.77
C LEU B 238 -12.22 7.86 28.75
N GLY B 239 -13.09 8.33 29.64
CA GLY B 239 -14.49 7.95 29.62
C GLY B 239 -15.31 9.04 28.94
N CYS B 240 -16.18 8.61 28.03
CA CYS B 240 -17.06 9.52 27.33
C CYS B 240 -18.52 9.22 27.64
N PRO B 241 -19.34 10.25 27.78
CA PRO B 241 -20.73 10.09 28.21
C PRO B 241 -21.67 9.67 27.10
N GLY B 242 -21.20 9.62 25.86
CA GLY B 242 -22.02 9.14 24.76
C GLY B 242 -21.17 9.01 23.52
N PHE B 243 -21.74 8.35 22.51
CA PHE B 243 -21.00 8.14 21.27
C PHE B 243 -20.76 9.45 20.52
N ALA B 244 -21.69 10.40 20.61
CA ALA B 244 -21.44 11.70 20.01
C ALA B 244 -20.18 12.34 20.59
N GLU B 245 -20.01 12.24 21.91
CA GLU B 245 -18.80 12.77 22.52
C GLU B 245 -17.57 11.97 22.10
N VAL B 246 -17.70 10.65 21.88
CA VAL B 246 -16.60 9.87 21.32
C VAL B 246 -16.18 10.44 19.96
N LEU B 247 -17.16 10.70 19.08
CA LEU B 247 -16.85 11.24 17.76
C LEU B 247 -16.21 12.62 17.83
N GLN B 248 -16.73 13.51 18.69
CA GLN B 248 -16.05 14.80 18.84
C GLN B 248 -14.70 14.67 19.53
N THR B 249 -14.52 13.70 20.43
CA THR B 249 -13.19 13.47 21.00
C THR B 249 -12.22 13.05 19.91
N PHE B 250 -12.67 12.24 18.96
CA PHE B 250 -11.83 11.87 17.82
C PHE B 250 -11.48 13.08 16.95
N SER B 251 -12.50 13.84 16.52
CA SER B 251 -12.26 15.06 15.75
C SER B 251 -11.29 16.01 16.44
N THR B 252 -11.55 16.30 17.72
CA THR B 252 -10.66 17.17 18.50
C THR B 252 -9.26 16.58 18.61
N CYS B 253 -9.18 15.26 18.80
CA CYS B 253 -7.89 14.57 18.91
C CYS B 253 -7.06 14.75 17.64
N LYS B 254 -7.68 14.53 16.49
CA LYS B 254 -6.98 14.79 15.23
C LYS B 254 -6.57 16.25 15.10
N GLY B 255 -7.44 17.17 15.51
CA GLY B 255 -7.12 18.57 15.39
C GLY B 255 -6.00 19.05 16.30
N MET B 256 -5.85 18.46 17.48
CA MET B 256 -4.89 18.97 18.45
C MET B 256 -3.64 18.12 18.62
N LEU B 257 -3.71 16.81 18.38
CA LEU B 257 -2.53 15.96 18.44
C LEU B 257 -1.90 15.78 17.06
N GLY B 258 -2.74 15.67 16.04
CA GLY B 258 -2.25 15.61 14.67
C GLY B 258 -1.31 14.46 14.40
N GLU B 259 -0.15 14.79 13.84
CA GLU B 259 0.78 13.78 13.35
C GLU B 259 1.35 12.87 14.45
N ILE B 260 1.28 13.27 15.72
CA ILE B 260 1.79 12.36 16.75
C ILE B 260 0.80 11.28 17.16
N LEU B 261 -0.47 11.38 16.75
CA LEU B 261 -1.43 10.34 17.05
C LEU B 261 -1.01 9.00 16.44
N SER B 262 -0.93 7.97 17.28
CA SER B 262 -0.60 6.64 16.81
C SER B 262 -1.68 5.61 17.08
N ALA B 263 -2.67 5.90 17.93
CA ALA B 263 -3.79 4.97 18.04
C ALA B 263 -5.01 5.69 18.60
N PHE B 264 -6.18 5.27 18.11
CA PHE B 264 -7.47 5.69 18.67
C PHE B 264 -8.41 4.49 18.69
N GLU B 265 -8.73 3.98 19.88
CA GLU B 265 -9.56 2.81 20.05
C GLU B 265 -10.72 3.18 20.97
N PHE B 266 -11.90 2.62 20.70
CA PHE B 266 -13.02 2.76 21.63
C PHE B 266 -13.53 1.41 22.09
N MET B 267 -14.25 1.42 23.21
CA MET B 267 -14.96 0.27 23.74
C MET B 267 -16.15 0.77 24.54
N ASP B 268 -17.17 -0.06 24.68
CA ASP B 268 -18.34 0.37 25.42
C ASP B 268 -18.31 -0.14 26.86
N ALA B 269 -19.29 0.29 27.65
CA ALA B 269 -19.36 -0.09 29.06
C ALA B 269 -19.37 -1.61 29.25
N VAL B 270 -20.11 -2.33 28.41
CA VAL B 270 -20.19 -3.78 28.56
C VAL B 270 -18.83 -4.44 28.34
N CYS B 271 -18.08 -3.98 27.34
CA CYS B 271 -16.69 -4.44 27.18
C CYS B 271 -15.89 -4.28 28.46
N MET B 272 -15.96 -3.10 29.08
CA MET B 272 -15.21 -2.86 30.31
C MET B 272 -15.66 -3.82 31.40
N GLN B 273 -16.97 -4.04 31.48
CA GLN B 273 -17.49 -4.96 32.49
C GLN B 273 -16.97 -6.36 32.26
N LEU B 274 -16.94 -6.81 31.00
CA LEU B 274 -16.49 -8.18 30.71
C LEU B 274 -15.00 -8.36 30.98
N VAL B 275 -14.16 -7.40 30.56
CA VAL B 275 -12.74 -7.48 30.87
C VAL B 275 -12.49 -7.47 32.38
N GLY B 276 -13.24 -6.65 33.12
CA GLY B 276 -13.16 -6.69 34.58
C GLY B 276 -13.63 -8.00 35.19
N ARG B 277 -14.73 -8.56 34.68
CA ARG B 277 -15.34 -9.73 35.29
C ARG B 277 -14.54 -11.00 35.00
N HIS B 278 -14.00 -11.13 33.79
CA HIS B 278 -13.33 -12.36 33.40
C HIS B 278 -11.81 -12.29 33.59
N LEU B 279 -11.22 -11.12 33.41
CA LEU B 279 -9.78 -10.94 33.52
C LEU B 279 -9.37 -10.15 34.75
N HIS B 280 -10.33 -9.71 35.57
CA HIS B 280 -10.07 -9.06 36.86
C HIS B 280 -9.25 -7.77 36.73
N LEU B 281 -9.51 -7.00 35.66
CA LEU B 281 -8.85 -5.73 35.42
C LEU B 281 -9.76 -4.57 35.85
N ALA B 282 -9.37 -3.87 36.90
CA ALA B 282 -10.16 -2.75 37.41
C ALA B 282 -10.10 -1.56 36.46
N SER B 283 -11.21 -0.82 36.36
CA SER B 283 -11.24 0.35 35.48
C SER B 283 -10.54 1.53 36.14
N PRO B 284 -9.64 2.22 35.44
CA PRO B 284 -8.93 3.38 36.01
C PRO B 284 -9.63 4.72 35.88
N VAL B 285 -10.82 4.79 35.29
CA VAL B 285 -11.57 6.02 35.15
C VAL B 285 -12.98 5.80 35.69
N GLN B 286 -13.70 6.89 35.90
CA GLN B 286 -15.08 6.78 36.38
C GLN B 286 -15.91 5.97 35.39
N GLU B 287 -16.94 5.31 35.91
CA GLU B 287 -17.80 4.50 35.07
C GLU B 287 -18.47 5.35 34.01
N SER B 288 -18.41 4.90 32.77
CA SER B 288 -18.90 5.66 31.63
C SER B 288 -19.50 4.71 30.61
N PRO B 289 -20.39 5.20 29.75
CA PRO B 289 -20.94 4.32 28.71
C PRO B 289 -19.97 4.08 27.57
N PHE B 290 -18.94 4.93 27.41
CA PHE B 290 -17.95 4.65 26.39
C PHE B 290 -16.57 4.97 26.94
N TYR B 291 -15.57 4.26 26.43
CA TYR B 291 -14.19 4.53 26.78
C TYR B 291 -13.38 4.63 25.50
N VAL B 292 -12.30 5.41 25.58
CA VAL B 292 -11.43 5.70 24.45
C VAL B 292 -9.99 5.58 24.94
N LEU B 293 -9.19 4.84 24.19
CA LEU B 293 -7.75 4.76 24.40
C LEU B 293 -7.08 5.50 23.26
N ILE B 294 -6.23 6.46 23.60
CA ILE B 294 -5.48 7.24 22.63
C ILE B 294 -4.02 6.99 22.90
N GLU B 295 -3.26 6.70 21.85
CA GLU B 295 -1.82 6.61 21.95
C GLU B 295 -1.20 7.68 21.05
N THR B 296 -0.12 8.28 21.55
CA THR B 296 0.73 9.15 20.73
C THR B 296 2.16 8.65 20.72
N SER B 297 2.83 8.92 19.61
CA SER B 297 4.20 8.49 19.34
C SER B 297 4.93 9.65 18.68
N GLY B 298 6.03 10.11 19.29
CA GLY B 298 6.73 11.22 18.69
C GLY B 298 8.18 11.30 19.10
N SER B 299 8.88 12.24 18.46
CA SER B 299 10.31 12.41 18.64
C SER B 299 10.66 13.27 19.85
N ASN B 300 9.78 14.19 20.26
CA ASN B 300 10.07 15.14 21.33
C ASN B 300 9.04 14.99 22.44
N ALA B 301 9.49 14.46 23.57
CA ALA B 301 8.63 14.26 24.73
C ALA B 301 7.92 15.54 25.17
N GLY B 302 8.69 16.61 25.37
CA GLY B 302 8.11 17.90 25.75
C GLY B 302 7.00 18.38 24.84
N HIS B 303 7.21 18.31 23.53
CA HIS B 303 6.19 18.76 22.59
C HIS B 303 4.95 17.86 22.64
N ASP B 304 5.13 16.55 22.70
CA ASP B 304 4.00 15.64 22.78
C ASP B 304 3.21 15.86 24.06
N ALA B 305 3.91 16.11 25.17
CA ALA B 305 3.26 16.41 26.44
C ALA B 305 2.44 17.70 26.34
N GLU B 306 2.99 18.73 25.70
CA GLU B 306 2.24 19.97 25.52
C GLU B 306 0.98 19.74 24.67
N LYS B 307 1.12 19.03 23.55
CA LYS B 307 -0.05 18.71 22.73
C LYS B 307 -1.11 17.96 23.53
N LEU B 308 -0.71 16.92 24.27
CA LEU B 308 -1.68 16.16 25.05
C LEU B 308 -2.31 17.00 26.14
N GLY B 309 -1.51 17.79 26.86
CA GLY B 309 -2.06 18.66 27.88
C GLY B 309 -3.13 19.59 27.35
N HIS B 310 -2.84 20.26 26.23
CA HIS B 310 -3.85 21.16 25.65
C HIS B 310 -5.07 20.38 25.15
N PHE B 311 -4.84 19.22 24.53
CA PHE B 311 -5.95 18.37 24.07
C PHE B 311 -6.86 18.01 25.24
N LEU B 312 -6.26 17.57 26.34
CA LEU B 312 -7.02 17.14 27.51
C LEU B 312 -7.77 18.33 28.10
N GLU B 313 -7.08 19.44 28.30
CA GLU B 313 -7.72 20.69 28.70
C GLU B 313 -8.99 20.96 27.90
N HIS B 314 -8.89 20.96 26.57
CA HIS B 314 -10.05 21.26 25.72
C HIS B 314 -11.13 20.17 25.79
N ALA B 315 -10.75 18.90 25.76
CA ALA B 315 -11.72 17.81 25.86
C ALA B 315 -12.51 17.83 27.16
N LEU B 316 -11.82 17.94 28.29
CA LEU B 316 -12.51 18.05 29.58
C LEU B 316 -13.30 19.34 29.68
N GLY B 317 -12.76 20.43 29.13
CA GLY B 317 -13.44 21.71 29.20
C GLY B 317 -14.80 21.72 28.51
N SER B 318 -14.87 21.21 27.29
CA SER B 318 -16.10 21.22 26.53
C SER B 318 -17.00 20.02 26.81
N GLY B 319 -16.69 19.24 27.85
CA GLY B 319 -17.56 18.14 28.25
C GLY B 319 -17.56 16.93 27.35
N LEU B 320 -16.59 16.82 26.44
CA LEU B 320 -16.51 15.62 25.62
C LEU B 320 -16.04 14.42 26.42
N VAL B 321 -15.21 14.66 27.43
CA VAL B 321 -14.64 13.63 28.29
C VAL B 321 -15.06 13.95 29.72
N THR B 322 -15.54 12.94 30.44
CA THR B 322 -15.94 13.15 31.83
C THR B 322 -14.82 12.84 32.80
N ASP B 323 -14.01 11.81 32.52
CA ASP B 323 -12.85 11.49 33.33
C ASP B 323 -11.76 10.90 32.43
N GLY B 324 -10.51 11.11 32.81
CA GLY B 324 -9.41 10.66 31.99
C GLY B 324 -8.16 10.45 32.82
N THR B 325 -7.28 9.57 32.34
CA THR B 325 -5.99 9.34 32.96
C THR B 325 -4.93 9.19 31.88
N MET B 326 -3.69 9.53 32.23
CA MET B 326 -2.58 9.50 31.29
C MET B 326 -1.41 8.75 31.89
N ALA B 327 -0.63 8.12 31.01
CA ALA B 327 0.56 7.40 31.46
C ALA B 327 1.66 7.49 30.41
N THR B 328 2.89 7.57 30.92
CA THR B 328 4.12 7.37 30.15
C THR B 328 4.94 6.19 30.65
N ASP B 329 4.80 5.80 31.92
CA ASP B 329 5.52 4.65 32.45
C ASP B 329 5.10 3.40 31.69
N GLN B 330 6.11 2.68 31.15
CA GLN B 330 5.87 1.50 30.33
C GLN B 330 4.87 0.52 30.95
N ARG B 331 5.03 0.23 32.24
CA ARG B 331 4.11 -0.67 32.94
C ARG B 331 2.67 -0.16 32.89
N LYS B 332 2.45 1.11 33.19
CA LYS B 332 1.09 1.64 33.22
C LYS B 332 0.51 1.73 31.81
N VAL B 333 1.35 2.08 30.84
CA VAL B 333 0.92 2.07 29.44
C VAL B 333 0.41 0.69 29.05
N LYS B 334 1.18 -0.36 29.39
CA LYS B 334 0.75 -1.71 29.09
C LYS B 334 -0.53 -2.09 29.81
N MET B 335 -0.67 -1.68 31.08
CA MET B 335 -1.93 -1.94 31.79
C MET B 335 -3.12 -1.33 31.06
N LEU B 336 -3.00 -0.08 30.62
CA LEU B 336 -4.10 0.56 29.89
C LEU B 336 -4.39 -0.15 28.58
N TRP B 337 -3.35 -0.46 27.81
CA TRP B 337 -3.53 -1.21 26.57
C TRP B 337 -4.21 -2.57 26.79
N ALA B 338 -3.93 -3.23 27.91
CA ALA B 338 -4.56 -4.53 28.17
C ALA B 338 -6.08 -4.46 28.19
N LEU B 339 -6.64 -3.34 28.66
CA LEU B 339 -8.10 -3.21 28.74
C LEU B 339 -8.75 -3.30 27.37
N ARG B 340 -8.09 -2.82 26.33
CA ARG B 340 -8.55 -2.91 24.95
C ARG B 340 -8.13 -4.20 24.25
N GLU B 341 -6.86 -4.60 24.41
CA GLU B 341 -6.34 -5.74 23.67
C GLU B 341 -7.04 -7.04 24.03
N ARG B 342 -7.42 -7.21 25.29
CA ARG B 342 -7.97 -8.48 25.80
C ARG B 342 -9.50 -8.56 25.73
N ILE B 343 -10.17 -7.61 25.09
CA ILE B 343 -11.63 -7.67 24.99
C ILE B 343 -12.07 -8.94 24.28
N THR B 344 -11.39 -9.29 23.18
CA THR B 344 -11.80 -10.44 22.37
C THR B 344 -11.73 -11.73 23.19
N GLU B 345 -10.70 -11.87 24.01
CA GLU B 345 -10.58 -13.01 24.90
C GLU B 345 -11.73 -13.04 25.91
N ALA B 346 -12.03 -11.89 26.52
CA ALA B 346 -13.13 -11.85 27.50
C ALA B 346 -14.45 -12.24 26.85
N LEU B 347 -14.67 -11.81 25.60
CA LEU B 347 -15.87 -12.18 24.88
C LEU B 347 -15.94 -13.69 24.73
N SER B 348 -14.84 -14.32 24.32
CA SER B 348 -14.89 -15.77 24.13
C SER B 348 -15.02 -16.50 25.46
N ARG B 349 -14.61 -15.86 26.57
CA ARG B 349 -14.90 -16.42 27.88
C ARG B 349 -16.36 -16.23 28.31
N ASP B 350 -17.09 -15.28 27.71
CA ASP B 350 -18.46 -15.04 28.14
C ASP B 350 -19.48 -16.04 27.59
N GLY B 351 -19.19 -16.71 26.49
CA GLY B 351 -20.11 -17.70 25.97
C GLY B 351 -19.86 -17.94 24.50
N TYR B 352 -20.91 -18.40 23.82
CA TYR B 352 -20.83 -18.50 22.37
C TYR B 352 -20.89 -17.09 21.79
N VAL B 353 -20.02 -16.84 20.81
CA VAL B 353 -19.80 -15.52 20.24
C VAL B 353 -20.24 -15.50 18.78
N TYR B 354 -21.14 -14.56 18.46
CA TYR B 354 -21.46 -14.20 17.09
C TYR B 354 -20.63 -12.96 16.78
N LYS B 355 -19.78 -13.04 15.77
CA LYS B 355 -18.74 -12.05 15.53
C LYS B 355 -18.93 -11.41 14.16
N TYR B 356 -18.90 -10.08 14.12
CA TYR B 356 -19.00 -9.32 12.88
C TYR B 356 -17.94 -8.23 12.88
N ASP B 357 -17.28 -8.05 11.75
CA ASP B 357 -16.13 -7.14 11.64
C ASP B 357 -16.41 -6.22 10.45
N LEU B 358 -16.89 -5.01 10.73
CA LEU B 358 -17.53 -4.17 9.73
C LEU B 358 -16.81 -2.83 9.57
N SER B 359 -16.72 -2.36 8.33
CA SER B 359 -16.35 -0.98 8.03
C SER B 359 -17.63 -0.20 7.78
N LEU B 360 -17.80 0.90 8.52
CA LEU B 360 -18.99 1.71 8.40
C LEU B 360 -18.63 3.19 8.44
N PRO B 361 -19.53 4.07 7.99
CA PRO B 361 -19.35 5.50 8.25
C PRO B 361 -19.17 5.74 9.74
N VAL B 362 -18.07 6.41 10.10
CA VAL B 362 -17.70 6.55 11.50
C VAL B 362 -18.84 7.16 12.33
N GLU B 363 -19.55 8.13 11.75
CA GLU B 363 -20.71 8.73 12.43
C GLU B 363 -21.80 7.71 12.74
N ARG B 364 -21.80 6.55 12.06
CA ARG B 364 -22.86 5.56 12.26
C ARG B 364 -22.29 4.25 12.77
N LEU B 365 -21.09 4.30 13.36
CA LEU B 365 -20.35 3.09 13.71
C LEU B 365 -21.08 2.27 14.79
N TYR B 366 -21.73 2.93 15.75
CA TYR B 366 -22.34 2.25 16.88
C TYR B 366 -23.82 1.95 16.70
N ASP B 367 -24.44 2.51 15.67
CA ASP B 367 -25.88 2.34 15.44
C ASP B 367 -26.30 0.87 15.52
N ILE B 368 -25.58 -0.01 14.80
CA ILE B 368 -25.95 -1.42 14.76
C ILE B 368 -25.98 -2.05 16.15
N VAL B 369 -25.13 -1.59 17.07
CA VAL B 369 -25.12 -2.17 18.42
C VAL B 369 -26.41 -1.84 19.15
N THR B 370 -26.80 -0.55 19.14
CA THR B 370 -28.08 -0.14 19.72
C THR B 370 -29.23 -0.91 19.07
N ASP B 371 -29.23 -0.98 17.73
CA ASP B 371 -30.25 -1.70 16.98
C ASP B 371 -30.36 -3.12 17.48
N LEU B 372 -29.24 -3.84 17.53
CA LEU B 372 -29.27 -5.25 17.90
C LEU B 372 -29.66 -5.45 19.37
N ARG B 373 -29.21 -4.56 20.27
CA ARG B 373 -29.70 -4.60 21.64
C ARG B 373 -31.21 -4.51 21.71
N ALA B 374 -31.82 -3.74 20.81
CA ALA B 374 -33.28 -3.68 20.81
C ALA B 374 -33.91 -4.89 20.12
N ARG B 375 -33.36 -5.27 18.97
CA ARG B 375 -33.91 -6.36 18.16
C ARG B 375 -33.84 -7.68 18.92
N LEU B 376 -32.69 -7.99 19.49
CA LEU B 376 -32.54 -9.15 20.34
C LEU B 376 -33.08 -8.85 21.74
N GLY B 377 -33.46 -9.90 22.45
CA GLY B 377 -33.99 -9.72 23.78
C GLY B 377 -33.10 -10.30 24.86
N PRO B 378 -33.70 -11.10 25.75
CA PRO B 378 -32.91 -11.88 26.70
C PRO B 378 -32.22 -13.09 26.11
N HIS B 379 -32.43 -13.35 24.82
CA HIS B 379 -31.70 -14.41 24.13
C HIS B 379 -30.22 -14.11 23.99
N ALA B 380 -29.85 -12.85 23.77
CA ALA B 380 -28.46 -12.44 23.84
C ALA B 380 -28.02 -12.22 25.30
N LYS B 381 -26.96 -12.92 25.71
CA LYS B 381 -26.36 -12.62 27.01
C LYS B 381 -25.78 -11.21 27.06
N HIS B 382 -24.96 -10.86 26.07
CA HIS B 382 -24.53 -9.46 25.92
C HIS B 382 -24.37 -9.08 24.46
N VAL B 383 -24.46 -7.78 24.19
CA VAL B 383 -24.08 -7.24 22.87
C VAL B 383 -23.06 -6.14 23.11
N VAL B 384 -21.95 -6.18 22.36
CA VAL B 384 -20.90 -5.17 22.48
C VAL B 384 -20.46 -4.66 21.11
N GLY B 385 -19.90 -3.44 21.15
CA GLY B 385 -19.21 -2.81 20.04
C GLY B 385 -17.88 -2.22 20.47
N TYR B 386 -16.80 -2.46 19.73
CA TYR B 386 -15.53 -1.81 20.07
C TYR B 386 -14.65 -1.76 18.82
N GLY B 387 -13.51 -1.09 18.94
CA GLY B 387 -12.47 -1.30 17.95
C GLY B 387 -11.89 -0.03 17.36
N HIS B 388 -11.49 -0.11 16.09
CA HIS B 388 -10.60 0.86 15.45
C HIS B 388 -11.45 1.99 14.89
N LEU B 389 -11.92 2.87 15.78
CA LEU B 389 -12.84 3.93 15.36
C LEU B 389 -12.17 4.88 14.37
N GLY B 390 -10.88 5.18 14.60
CA GLY B 390 -10.15 6.02 13.66
C GLY B 390 -10.14 5.50 12.24
N ASP B 391 -10.25 4.17 12.06
CA ASP B 391 -10.27 3.56 10.75
C ASP B 391 -11.67 3.18 10.29
N GLY B 392 -12.70 3.56 11.05
CA GLY B 392 -14.06 3.18 10.68
C GLY B 392 -14.40 1.73 10.88
N ASN B 393 -13.72 1.03 11.79
CA ASN B 393 -13.79 -0.41 11.88
C ASN B 393 -14.44 -0.76 13.22
N LEU B 394 -15.62 -1.38 13.14
CA LEU B 394 -16.35 -1.89 14.31
C LEU B 394 -16.18 -3.39 14.44
N HIS B 395 -15.87 -3.83 15.65
CA HIS B 395 -15.98 -5.22 16.06
C HIS B 395 -17.29 -5.32 16.83
N LEU B 396 -18.28 -5.96 16.21
CA LEU B 396 -19.61 -6.20 16.75
C LEU B 396 -19.63 -7.62 17.28
N ASN B 397 -20.03 -7.78 18.54
CA ASN B 397 -20.13 -9.14 19.07
C ASN B 397 -21.41 -9.33 19.86
N VAL B 398 -21.99 -10.53 19.74
CA VAL B 398 -23.14 -10.92 20.54
C VAL B 398 -22.77 -12.21 21.26
N THR B 399 -22.94 -12.23 22.57
CA THR B 399 -22.67 -13.43 23.35
C THR B 399 -23.97 -14.03 23.86
N ALA B 400 -23.94 -15.36 24.04
CA ALA B 400 -25.06 -16.10 24.59
C ALA B 400 -24.53 -17.37 25.27
N GLU B 401 -25.37 -17.95 26.13
CA GLU B 401 -24.96 -19.17 26.84
C GLU B 401 -24.64 -20.31 25.88
N ALA B 402 -25.37 -20.40 24.78
CA ALA B 402 -25.11 -21.40 23.76
C ALA B 402 -25.59 -20.87 22.43
N PHE B 403 -25.03 -21.43 21.35
CA PHE B 403 -25.54 -21.16 20.01
C PHE B 403 -27.02 -21.49 19.91
N SER B 404 -27.75 -20.66 19.18
CA SER B 404 -29.12 -21.01 18.85
C SER B 404 -29.38 -20.58 17.41
N PRO B 405 -30.10 -21.41 16.64
CA PRO B 405 -30.48 -21.01 15.27
C PRO B 405 -31.34 -19.75 15.21
N SER B 406 -32.22 -19.57 16.20
CA SER B 406 -33.08 -18.39 16.24
C SER B 406 -32.27 -17.09 16.31
N LEU B 407 -31.25 -17.05 17.16
CA LEU B 407 -30.43 -15.84 17.23
C LEU B 407 -29.69 -15.62 15.93
N LEU B 408 -29.10 -16.67 15.37
CA LEU B 408 -28.46 -16.54 14.06
C LEU B 408 -29.42 -15.99 13.01
N ALA B 409 -30.67 -16.46 13.02
CA ALA B 409 -31.65 -15.96 12.05
C ALA B 409 -32.00 -14.50 12.29
N ALA B 410 -32.02 -14.06 13.55
CA ALA B 410 -32.21 -12.63 13.81
C ALA B 410 -31.02 -11.80 13.39
N LEU B 411 -29.80 -12.32 13.55
CA LEU B 411 -28.59 -11.57 13.21
C LEU B 411 -28.32 -11.52 11.72
N GLU B 412 -28.58 -12.62 11.03
CA GLU B 412 -28.21 -12.78 9.63
C GLU B 412 -29.43 -13.12 8.80
N PRO B 413 -29.60 -12.50 7.64
CA PRO B 413 -28.67 -11.58 6.96
C PRO B 413 -28.78 -10.12 7.39
N HIS B 414 -29.56 -9.84 8.43
CA HIS B 414 -29.88 -8.47 8.82
C HIS B 414 -28.64 -7.58 8.95
N VAL B 415 -27.60 -8.08 9.64
CA VAL B 415 -26.39 -7.27 9.84
C VAL B 415 -25.71 -6.98 8.51
N TYR B 416 -25.64 -7.98 7.62
CA TYR B 416 -24.98 -7.75 6.34
C TYR B 416 -25.79 -6.83 5.44
N GLU B 417 -27.12 -6.88 5.53
CA GLU B 417 -27.91 -5.95 4.73
C GLU B 417 -27.79 -4.53 5.25
N TRP B 418 -27.86 -4.35 6.57
CA TRP B 418 -27.59 -3.06 7.18
C TRP B 418 -26.26 -2.49 6.68
N THR B 419 -25.21 -3.32 6.72
CA THR B 419 -23.87 -2.86 6.34
C THR B 419 -23.83 -2.46 4.86
N ALA B 420 -24.43 -3.27 3.99
CA ALA B 420 -24.52 -2.91 2.58
C ALA B 420 -25.31 -1.61 2.41
N GLY B 421 -26.39 -1.45 3.17
CA GLY B 421 -27.12 -0.19 3.20
C GLY B 421 -26.24 1.00 3.53
N GLN B 422 -25.17 0.78 4.29
CA GLN B 422 -24.25 1.88 4.58
C GLN B 422 -23.09 1.91 3.59
N GLN B 423 -23.15 1.12 2.52
CA GLN B 423 -22.03 0.90 1.60
C GLN B 423 -20.75 0.53 2.34
N GLY B 424 -20.89 -0.32 3.35
CA GLY B 424 -19.78 -0.73 4.18
C GLY B 424 -19.16 -2.05 3.76
N SER B 425 -18.13 -2.45 4.49
CA SER B 425 -17.47 -3.73 4.31
C SER B 425 -17.96 -4.72 5.37
N VAL B 426 -18.45 -5.88 4.92
CA VAL B 426 -18.78 -6.98 5.83
C VAL B 426 -17.57 -7.74 6.36
N SER B 427 -16.34 -7.44 5.92
CA SER B 427 -15.16 -7.95 6.61
C SER B 427 -14.03 -6.94 6.47
N ALA B 428 -13.92 -6.03 7.44
CA ALA B 428 -12.96 -4.93 7.36
C ALA B 428 -11.52 -5.44 7.36
N GLU B 429 -11.18 -6.31 8.31
CA GLU B 429 -9.79 -6.73 8.44
C GLU B 429 -9.59 -8.23 8.58
N HIS B 430 -10.49 -8.91 9.29
CA HIS B 430 -10.31 -10.34 9.57
C HIS B 430 -10.33 -11.20 8.30
N GLY B 431 -10.97 -10.73 7.23
CA GLY B 431 -10.99 -11.45 5.99
C GLY B 431 -12.21 -12.34 5.84
N VAL B 432 -12.11 -13.25 4.87
CA VAL B 432 -13.25 -14.01 4.40
C VAL B 432 -13.21 -15.44 4.94
N GLY B 433 -12.22 -16.20 4.49
CA GLY B 433 -12.07 -17.58 4.91
C GLY B 433 -13.27 -18.45 4.58
N PHE B 434 -13.56 -19.38 5.49
CA PHE B 434 -14.70 -20.27 5.33
C PHE B 434 -16.02 -19.59 5.69
N ARG B 435 -16.02 -18.82 6.78
CA ARG B 435 -17.26 -18.31 7.37
C ARG B 435 -17.99 -17.32 6.46
N LYS B 436 -17.26 -16.42 5.82
CA LYS B 436 -17.85 -15.30 5.08
C LYS B 436 -17.79 -15.48 3.56
N ARG B 437 -17.42 -16.66 3.06
CA ARG B 437 -17.23 -16.86 1.62
C ARG B 437 -18.48 -16.56 0.81
N ASP B 438 -19.68 -16.78 1.36
CA ASP B 438 -20.91 -16.55 0.62
C ASP B 438 -21.63 -15.23 0.95
N VAL B 439 -20.98 -14.30 1.64
CA VAL B 439 -21.62 -12.99 1.86
C VAL B 439 -20.82 -11.84 1.23
N LEU B 440 -19.93 -12.15 0.28
CA LEU B 440 -19.13 -11.09 -0.34
C LEU B 440 -19.98 -10.19 -1.21
N GLY B 441 -21.09 -10.70 -1.74
CA GLY B 441 -21.98 -9.88 -2.52
C GLY B 441 -22.46 -8.63 -1.78
N TYR B 442 -22.50 -8.68 -0.44
CA TYR B 442 -22.84 -7.46 0.28
C TYR B 442 -21.79 -6.35 0.15
N SER B 443 -20.56 -6.68 -0.24
CA SER B 443 -19.50 -5.67 -0.36
C SER B 443 -18.79 -5.63 -1.71
N LYS B 444 -18.97 -6.63 -2.56
CA LYS B 444 -18.24 -6.69 -3.82
C LYS B 444 -19.17 -7.04 -4.96
N PRO B 445 -19.04 -6.36 -6.10
CA PRO B 445 -19.92 -6.62 -7.24
C PRO B 445 -19.55 -7.91 -7.94
N PRO B 446 -20.48 -8.48 -8.73
CA PRO B 446 -20.20 -9.77 -9.38
C PRO B 446 -18.96 -9.79 -10.26
N GLY B 447 -18.72 -8.75 -11.05
CA GLY B 447 -17.56 -8.77 -11.94
C GLY B 447 -16.23 -8.86 -11.21
N ALA B 448 -16.10 -8.19 -10.07
CA ALA B 448 -14.89 -8.34 -9.26
C ALA B 448 -14.74 -9.78 -8.76
N LEU B 449 -15.82 -10.37 -8.25
CA LEU B 449 -15.75 -11.75 -7.78
C LEU B 449 -15.36 -12.70 -8.91
N GLN B 450 -15.82 -12.42 -10.13
CA GLN B 450 -15.47 -13.27 -11.26
C GLN B 450 -13.99 -13.13 -11.58
N LEU B 451 -13.47 -11.90 -11.61
CA LEU B 451 -12.06 -11.73 -11.87
C LEU B 451 -11.21 -12.42 -10.81
N MET B 452 -11.67 -12.41 -9.55
CA MET B 452 -10.98 -13.15 -8.50
C MET B 452 -10.98 -14.65 -8.80
N GLN B 453 -12.10 -15.18 -9.29
CA GLN B 453 -12.15 -16.60 -9.62
C GLN B 453 -11.20 -16.93 -10.76
N GLN B 454 -11.08 -16.03 -11.74
CA GLN B 454 -10.14 -16.24 -12.84
C GLN B 454 -8.70 -16.21 -12.35
N LEU B 455 -8.38 -15.31 -11.41
CA LEU B 455 -7.05 -15.30 -10.82
C LEU B 455 -6.75 -16.61 -10.12
N LYS B 456 -7.72 -17.12 -9.36
CA LYS B 456 -7.57 -18.41 -8.69
C LYS B 456 -7.31 -19.53 -9.69
N ALA B 457 -8.08 -19.56 -10.78
CA ALA B 457 -7.90 -20.58 -11.81
C ALA B 457 -6.53 -20.49 -12.47
N LEU B 458 -6.04 -19.28 -12.72
CA LEU B 458 -4.70 -19.12 -13.28
C LEU B 458 -3.62 -19.62 -12.31
N LEU B 459 -3.71 -19.24 -11.04
CA LEU B 459 -2.63 -19.53 -10.12
C LEU B 459 -2.73 -20.90 -9.45
N ASP B 460 -3.94 -21.42 -9.28
CA ASP B 460 -4.16 -22.71 -8.66
C ASP B 460 -5.28 -23.43 -9.40
N PRO B 461 -5.02 -23.87 -10.63
CA PRO B 461 -6.09 -24.53 -11.41
C PRO B 461 -6.62 -25.80 -10.79
N LYS B 462 -5.81 -26.54 -10.02
CA LYS B 462 -6.34 -27.70 -9.32
C LYS B 462 -7.06 -27.34 -8.02
N GLY B 463 -6.92 -26.11 -7.54
CA GLY B 463 -7.60 -25.71 -6.32
C GLY B 463 -7.17 -26.44 -5.06
N ILE B 464 -5.91 -26.90 -5.02
CA ILE B 464 -5.41 -27.59 -3.83
C ILE B 464 -5.09 -26.67 -2.66
N LEU B 465 -4.94 -25.37 -2.88
CA LEU B 465 -4.59 -24.44 -1.81
C LEU B 465 -5.86 -23.89 -1.17
N ASN B 466 -6.06 -24.23 0.10
CA ASN B 466 -7.19 -23.75 0.89
C ASN B 466 -8.52 -23.83 0.12
N PRO B 467 -8.96 -25.04 -0.26
CA PRO B 467 -10.29 -25.17 -0.84
C PRO B 467 -11.38 -24.73 0.12
N TYR B 468 -12.57 -24.49 -0.43
CA TYR B 468 -13.78 -24.09 0.28
C TYR B 468 -13.65 -22.68 0.83
N LYS B 469 -12.59 -21.97 0.42
CA LYS B 469 -12.29 -20.60 0.80
C LYS B 469 -11.79 -19.93 -0.48
N THR B 470 -11.48 -18.63 -0.46
CA THR B 470 -12.12 -17.60 0.36
C THR B 470 -12.94 -16.77 -0.62
N LEU B 471 -13.27 -17.37 -1.76
CA LEU B 471 -14.11 -16.93 -2.86
C LEU B 471 -15.47 -17.62 -2.80
N PRO B 472 -16.48 -17.07 -3.48
CA PRO B 472 -17.80 -17.72 -3.45
C PRO B 472 -17.76 -19.11 -4.06
N SER B 473 -18.72 -19.94 -3.66
CA SER B 473 -18.80 -21.32 -4.11
C SER B 473 -19.06 -21.40 -5.62
#